data_6W4S
#
_entry.id   6W4S
#
_cell.length_a   1.00
_cell.length_b   1.00
_cell.length_c   1.00
_cell.angle_alpha   90.00
_cell.angle_beta   90.00
_cell.angle_gamma   90.00
#
_symmetry.space_group_name_H-M   'P 1'
#
loop_
_entity.id
_entity.type
_entity.pdbx_description
1 polymer 'Solute carrier family 40 member 1'
2 polymer 'Fab45D8 Heavy Chain'
3 polymer 'Fab45D8 Light Chain'
#
loop_
_entity_poly.entity_id
_entity_poly.type
_entity_poly.pdbx_seq_one_letter_code
_entity_poly.pdbx_strand_id
1 'polypeptide(L)'
;MTRAGDHNRQRGCCGSLADYLTSAKFLLYLGHSLSTWGDRMWHFAVSVFLVELYGNSLLLTAVYGLVVAGSVLVLGAIIG
DWVDKNARLKVAQTSLVVQNVSVILCGIILMMVFLHKHELLTMYHGWVLTSCYILIITIANIANLASTATAITIQRDWIV
VVAGEDRSKLANMNATIRRIDQLTNILAPMAVGQIMTFGSPVIGCGFISGWNLVSMCVEYVLLWKVYQKTPALAVKAGLK
EEETELKQLNLHKDTEPKPLEGTHLMGVKDSNIHELEHEQEPTCASQMAEPFRTFRDGWVSYYNQPVFLAGMGLAFLYMT
VLGFDCITTGYAYTQGLSGSILSILMGASAITGIMGTVAFTWLRRKCGLVRTGLISGLAQLSCLILCVISVFMPGSPLDL
SVSPFEDIRSRFIQGESITPTKIPEITTEIYMSNGSNSANIVPETSPESVPIISVSLLFAGVIAARIGLWSFDLTVTQLL
QENVIESERGIINGVQNSMNYLLDLLHFIMVILAPNPEAFGLLVLISVSFVAMGHIMYFRFAQNTLGNKLFACGPDAKEV
RKENQANTSVVGSGLEVLFQGPGAAEDQVDPRLIDGKHHHHHHHH
;
F
2 'polypeptide(L)'
;EVQLQESGPGLAKPSQTLSLTCSVTGSSITSDYWNWIRKFPGNKLEYMGYISYSGSTYYNPSLKSQISITRDTSKNHYYL
QLNSVTTEDTATYYCARQGLRNWYFDVWGTGTTVTVSSAKTTAPSVYPLAPVCGGTTGSSVTLGCLVKGYFPEPVTLTWN
SGSLSSGVHTFPALLQSGLYTLSSSVTVTSNTWPSQTITCNVAHPASSTKVDKKIEPRVP
;
H
3 'polypeptide(L)'
;DIVLTQSPASLPVSLGQRATISCRASKSVSASAYSYMHWYQQKPGQPPKPLIYLASNLESGVPARFSGSGSGTDFTLNIH
PVEEEDAATYYCQHNRELPYTFGGGTKLEIKRADAAPTVSIFPPSSEQLTSGGASVVCFLNNFYPKDINVKWKIDGSERQ
NGVLNSWTDQDSKDSTYSMSSTLTLTKDEYERHNSYTCEATHKTSTSPIVKSFNRNEC
;
L
#
# COMPACT_ATOMS: atom_id res chain seq x y z
N LEU A 17 -23.05 14.24 -29.17
CA LEU A 17 -24.12 15.20 -29.38
C LEU A 17 -24.02 16.36 -28.39
N ALA A 18 -24.25 17.58 -28.89
CA ALA A 18 -24.18 18.75 -28.02
C ALA A 18 -25.15 18.65 -26.85
N ASP A 19 -26.35 18.16 -27.11
CA ASP A 19 -27.34 18.01 -26.05
C ASP A 19 -26.85 17.07 -24.96
N TYR A 20 -26.38 15.89 -25.35
CA TYR A 20 -25.89 14.91 -24.38
C TYR A 20 -24.48 15.20 -23.91
N LEU A 21 -23.91 16.34 -24.29
CA LEU A 21 -22.66 16.80 -23.69
C LEU A 21 -22.81 18.11 -22.91
N THR A 22 -23.99 18.74 -22.93
CA THR A 22 -24.23 19.92 -22.11
C THR A 22 -25.28 19.70 -21.04
N SER A 23 -26.09 18.63 -21.13
CA SER A 23 -27.11 18.37 -20.14
C SER A 23 -26.48 18.06 -18.79
N ALA A 24 -27.13 18.48 -17.71
CA ALA A 24 -26.54 18.37 -16.40
C ALA A 24 -26.71 16.98 -15.80
N LYS A 25 -26.37 15.96 -16.56
CA LYS A 25 -26.31 14.59 -16.08
C LYS A 25 -25.01 13.91 -16.47
N PHE A 26 -24.55 14.12 -17.70
CA PHE A 26 -23.24 13.63 -18.10
C PHE A 26 -22.14 14.33 -17.31
N LEU A 27 -22.36 15.58 -16.92
CA LEU A 27 -21.38 16.27 -16.09
C LEU A 27 -21.31 15.65 -14.71
N LEU A 28 -22.44 15.24 -14.14
CA LEU A 28 -22.42 14.53 -12.88
C LEU A 28 -21.67 13.20 -13.01
N TYR A 29 -21.94 12.47 -14.10
CA TYR A 29 -21.21 11.22 -14.31
C TYR A 29 -19.71 11.44 -14.44
N LEU A 30 -19.31 12.49 -15.18
CA LEU A 30 -17.90 12.77 -15.38
C LEU A 30 -17.22 13.14 -14.06
N GLY A 31 -17.83 14.04 -13.29
CA GLY A 31 -17.29 14.38 -11.99
C GLY A 31 -17.16 13.18 -11.07
N HIS A 32 -18.20 12.36 -11.02
CA HIS A 32 -18.16 11.19 -10.15
C HIS A 32 -17.07 10.23 -10.57
N SER A 33 -16.89 10.04 -11.89
CA SER A 33 -15.87 9.12 -12.36
C SER A 33 -14.48 9.63 -12.03
N LEU A 34 -14.22 10.93 -12.23
CA LEU A 34 -12.94 11.50 -11.84
C LEU A 34 -12.69 11.30 -10.35
N SER A 35 -13.69 11.61 -9.52
CA SER A 35 -13.53 11.50 -8.08
C SER A 35 -13.22 10.08 -7.67
N THR A 36 -13.96 9.11 -8.19
CA THR A 36 -13.73 7.72 -7.82
C THR A 36 -12.40 7.21 -8.33
N TRP A 37 -11.97 7.64 -9.51
CA TRP A 37 -10.65 7.28 -10.00
C TRP A 37 -9.57 7.73 -9.02
N GLY A 38 -9.59 9.02 -8.66
CA GLY A 38 -8.62 9.51 -7.70
C GLY A 38 -8.67 8.76 -6.38
N ASP A 39 -9.88 8.51 -5.87
CA ASP A 39 -10.05 7.85 -4.59
C ASP A 39 -9.44 6.45 -4.62
N ARG A 40 -9.71 5.67 -5.67
CA ARG A 40 -9.21 4.31 -5.72
C ARG A 40 -7.71 4.28 -5.92
N MET A 41 -7.17 5.21 -6.72
CA MET A 41 -5.71 5.26 -6.85
C MET A 41 -5.05 5.55 -5.50
N TRP A 42 -5.62 6.48 -4.74
CA TRP A 42 -5.06 6.80 -3.43
C TRP A 42 -5.16 5.64 -2.47
N HIS A 43 -6.29 4.91 -2.50
CA HIS A 43 -6.43 3.73 -1.66
C HIS A 43 -5.38 2.67 -1.99
N PHE A 44 -5.17 2.42 -3.28
CA PHE A 44 -4.13 1.49 -3.69
C PHE A 44 -2.77 1.92 -3.21
N ALA A 45 -2.49 3.23 -3.27
CA ALA A 45 -1.20 3.73 -2.79
C ALA A 45 -1.01 3.44 -1.31
N VAL A 46 -2.04 3.68 -0.50
CA VAL A 46 -1.91 3.42 0.94
C VAL A 46 -1.71 1.94 1.20
N SER A 47 -2.42 1.08 0.45
CA SER A 47 -2.23 -0.35 0.62
C SER A 47 -0.80 -0.76 0.30
N VAL A 48 -0.23 -0.18 -0.76
CA VAL A 48 1.15 -0.48 -1.11
C VAL A 48 2.11 -0.01 -0.02
N PHE A 49 1.86 1.18 0.53
CA PHE A 49 2.69 1.64 1.65
C PHE A 49 2.66 0.65 2.80
N LEU A 50 1.47 0.19 3.16
CA LEU A 50 1.35 -0.76 4.27
C LEU A 50 2.12 -2.04 3.98
N VAL A 51 1.91 -2.63 2.79
CA VAL A 51 2.54 -3.92 2.51
C VAL A 51 4.05 -3.78 2.39
N GLU A 52 4.54 -2.63 1.91
CA GLU A 52 5.98 -2.46 1.77
C GLU A 52 6.66 -2.22 3.12
N LEU A 53 6.25 -1.16 3.81
CA LEU A 53 6.96 -0.77 5.03
C LEU A 53 6.49 -1.52 6.27
N TYR A 54 5.51 -2.40 6.18
CA TYR A 54 5.10 -3.16 7.36
C TYR A 54 4.84 -4.64 7.09
N GLY A 55 4.98 -5.11 5.86
CA GLY A 55 4.70 -6.51 5.57
C GLY A 55 3.25 -6.88 5.74
N ASN A 56 2.34 -6.01 5.26
CA ASN A 56 0.89 -6.15 5.32
C ASN A 56 0.42 -6.85 6.61
N SER A 57 0.94 -6.38 7.74
CA SER A 57 0.51 -6.92 9.03
C SER A 57 -0.99 -6.75 9.19
N LEU A 58 -1.67 -7.88 9.44
CA LEU A 58 -3.12 -7.84 9.58
C LEU A 58 -3.54 -6.99 10.77
N LEU A 59 -2.75 -6.96 11.83
CA LEU A 59 -3.11 -6.18 13.00
C LEU A 59 -3.15 -4.69 12.70
N LEU A 60 -2.17 -4.19 11.96
CA LEU A 60 -2.13 -2.76 11.67
C LEU A 60 -3.20 -2.36 10.65
N THR A 61 -3.47 -3.23 9.68
CA THR A 61 -4.57 -2.98 8.76
C THR A 61 -5.90 -2.94 9.52
N ALA A 62 -6.08 -3.86 10.46
CA ALA A 62 -7.30 -3.87 11.26
C ALA A 62 -7.40 -2.63 12.14
N VAL A 63 -6.28 -2.17 12.70
CA VAL A 63 -6.30 -0.96 13.52
C VAL A 63 -6.67 0.25 12.67
N TYR A 64 -6.11 0.33 11.46
CA TYR A 64 -6.49 1.40 10.53
C TYR A 64 -7.98 1.36 10.22
N GLY A 65 -8.52 0.15 9.99
CA GLY A 65 -9.94 0.03 9.75
C GLY A 65 -10.78 0.45 10.95
N LEU A 66 -10.36 0.05 12.14
CA LEU A 66 -11.06 0.46 13.36
C LEU A 66 -11.05 1.97 13.51
N VAL A 67 -9.90 2.60 13.24
CA VAL A 67 -9.81 4.05 13.37
C VAL A 67 -10.80 4.73 12.43
N VAL A 68 -10.80 4.32 11.16
CA VAL A 68 -11.70 4.95 10.20
C VAL A 68 -13.16 4.72 10.59
N ALA A 69 -13.50 3.48 10.97
CA ALA A 69 -14.87 3.14 11.29
C ALA A 69 -15.35 3.92 12.51
N GLY A 70 -14.60 3.87 13.60
CA GLY A 70 -14.97 4.61 14.78
C GLY A 70 -15.07 6.11 14.54
N SER A 71 -14.17 6.64 13.70
CA SER A 71 -14.22 8.07 13.42
C SER A 71 -15.50 8.44 12.70
N VAL A 72 -15.95 7.59 11.76
CA VAL A 72 -17.20 7.93 11.08
C VAL A 72 -18.41 7.64 11.97
N LEU A 73 -18.27 6.70 12.91
CA LEU A 73 -19.39 6.37 13.79
C LEU A 73 -19.73 7.53 14.72
N VAL A 74 -18.73 8.11 15.38
CA VAL A 74 -18.96 9.20 16.32
C VAL A 74 -19.33 10.51 15.62
N LEU A 75 -19.00 10.66 14.34
CA LEU A 75 -19.09 11.95 13.69
C LEU A 75 -20.07 12.02 12.53
N GLY A 76 -20.66 10.91 12.12
CA GLY A 76 -21.56 10.94 10.97
C GLY A 76 -22.75 11.85 11.20
N ALA A 77 -23.31 11.82 12.42
CA ALA A 77 -24.48 12.65 12.71
C ALA A 77 -24.11 14.12 12.66
N ILE A 78 -22.93 14.48 13.14
CA ILE A 78 -22.50 15.88 13.12
C ILE A 78 -22.29 16.35 11.68
N ILE A 79 -21.64 15.52 10.85
CA ILE A 79 -21.42 15.90 9.45
C ILE A 79 -22.74 16.05 8.72
N GLY A 80 -23.68 15.13 8.95
CA GLY A 80 -24.98 15.27 8.32
C GLY A 80 -25.71 16.52 8.77
N ASP A 81 -25.65 16.82 10.07
CA ASP A 81 -26.25 18.04 10.58
C ASP A 81 -25.64 19.26 9.91
N TRP A 82 -24.33 19.26 9.73
CA TRP A 82 -23.68 20.37 9.03
C TRP A 82 -24.16 20.48 7.59
N VAL A 83 -24.29 19.36 6.91
CA VAL A 83 -24.74 19.39 5.52
C VAL A 83 -26.16 19.93 5.42
N ASP A 84 -27.00 19.66 6.43
CA ASP A 84 -28.41 20.00 6.31
C ASP A 84 -28.69 21.50 6.41
N LYS A 85 -27.77 22.29 6.96
CA LYS A 85 -28.05 23.71 7.18
C LYS A 85 -27.55 24.60 6.04
N ASN A 86 -26.27 24.50 5.71
CA ASN A 86 -25.63 25.43 4.80
C ASN A 86 -26.11 25.21 3.37
N ALA A 87 -25.56 26.00 2.45
CA ALA A 87 -25.96 25.97 1.06
C ALA A 87 -25.20 24.87 0.30
N ARG A 88 -25.84 24.41 -0.78
CA ARG A 88 -25.39 23.20 -1.45
C ARG A 88 -24.06 23.40 -2.14
N LEU A 89 -23.94 24.43 -2.98
CA LEU A 89 -22.68 24.67 -3.69
C LEU A 89 -21.54 24.89 -2.71
N LYS A 90 -21.79 25.69 -1.67
CA LYS A 90 -20.76 25.94 -0.67
C LYS A 90 -20.27 24.65 -0.04
N VAL A 91 -21.20 23.83 0.47
CA VAL A 91 -20.76 22.63 1.19
C VAL A 91 -20.09 21.65 0.23
N ALA A 92 -20.60 21.54 -0.99
CA ALA A 92 -20.01 20.60 -1.95
C ALA A 92 -18.58 20.99 -2.28
N GLN A 93 -18.35 22.26 -2.58
CA GLN A 93 -17.01 22.69 -2.96
C GLN A 93 -16.06 22.63 -1.77
N THR A 94 -16.54 22.96 -0.57
CA THR A 94 -15.67 22.86 0.60
C THR A 94 -15.24 21.42 0.85
N SER A 95 -16.19 20.48 0.76
CA SER A 95 -15.84 19.08 0.96
C SER A 95 -14.89 18.59 -0.11
N LEU A 96 -15.12 18.97 -1.37
CA LEU A 96 -14.22 18.58 -2.45
C LEU A 96 -12.81 19.10 -2.21
N VAL A 97 -12.70 20.38 -1.84
CA VAL A 97 -11.39 20.97 -1.62
C VAL A 97 -10.68 20.30 -0.46
N VAL A 98 -11.40 20.05 0.64
CA VAL A 98 -10.77 19.39 1.78
C VAL A 98 -10.27 18.01 1.40
N GLN A 99 -11.09 17.24 0.68
CA GLN A 99 -10.67 15.90 0.28
C GLN A 99 -9.42 15.94 -0.58
N ASN A 100 -9.44 16.75 -1.63
CA ASN A 100 -8.31 16.74 -2.56
C ASN A 100 -7.04 17.29 -1.92
N VAL A 101 -7.17 18.33 -1.08
CA VAL A 101 -6.00 18.88 -0.40
C VAL A 101 -5.40 17.86 0.54
N SER A 102 -6.24 17.14 1.29
CA SER A 102 -5.72 16.11 2.17
C SER A 102 -5.02 15.01 1.37
N VAL A 103 -5.59 14.63 0.24
CA VAL A 103 -4.98 13.56 -0.56
C VAL A 103 -3.63 14.01 -1.13
N ILE A 104 -3.54 15.25 -1.57
CA ILE A 104 -2.26 15.75 -2.10
C ILE A 104 -1.21 15.82 -1.00
N LEU A 105 -1.58 16.41 0.14
CA LEU A 105 -0.65 16.56 1.25
C LEU A 105 -0.21 15.22 1.80
N CYS A 106 -1.02 14.17 1.66
CA CYS A 106 -0.58 12.85 2.09
C CYS A 106 0.21 12.14 1.00
N GLY A 107 -0.08 12.39 -0.27
CA GLY A 107 0.72 11.80 -1.32
C GLY A 107 2.15 12.30 -1.32
N ILE A 108 2.34 13.57 -0.95
CA ILE A 108 3.70 14.10 -0.83
C ILE A 108 4.46 13.36 0.27
N ILE A 109 3.80 13.14 1.42
CA ILE A 109 4.44 12.43 2.52
C ILE A 109 4.73 10.98 2.13
N LEU A 110 3.81 10.36 1.37
CA LEU A 110 4.06 9.00 0.91
C LEU A 110 5.25 8.96 -0.02
N MET A 111 5.40 9.97 -0.87
CA MET A 111 6.58 10.06 -1.72
C MET A 111 7.85 10.14 -0.89
N MET A 112 7.86 11.02 0.11
CA MET A 112 9.06 11.19 0.94
C MET A 112 9.40 9.90 1.68
N VAL A 113 8.40 9.23 2.24
CA VAL A 113 8.68 8.02 3.02
C VAL A 113 9.05 6.86 2.10
N PHE A 114 8.56 6.87 0.86
CA PHE A 114 8.97 5.84 -0.09
C PHE A 114 10.42 6.04 -0.53
N LEU A 115 10.84 7.30 -0.70
CA LEU A 115 12.21 7.57 -1.08
C LEU A 115 13.18 7.08 0.00
N HIS A 116 13.09 7.64 1.20
CA HIS A 116 13.95 7.25 2.30
C HIS A 116 13.42 6.02 3.02
N LYS A 117 13.12 4.96 2.28
CA LYS A 117 12.46 3.80 2.85
C LYS A 117 13.42 2.99 3.72
N HIS A 118 14.52 2.53 3.13
CA HIS A 118 15.44 1.66 3.87
C HIS A 118 16.08 2.38 5.03
N GLU A 119 16.33 3.69 4.89
CA GLU A 119 16.81 4.48 6.02
C GLU A 119 15.89 4.32 7.23
N LEU A 120 14.60 4.53 7.02
CA LEU A 120 13.64 4.39 8.10
C LEU A 120 13.61 2.97 8.63
N LEU A 121 13.63 1.98 7.74
CA LEU A 121 13.48 0.61 8.18
C LEU A 121 14.69 0.12 8.97
N THR A 122 15.89 0.66 8.71
CA THR A 122 17.09 0.02 9.24
C THR A 122 18.01 0.91 10.06
N MET A 123 17.94 2.24 9.98
CA MET A 123 18.86 3.08 10.73
C MET A 123 18.14 4.27 11.36
N TYR A 124 16.99 4.01 11.97
CA TYR A 124 16.27 5.03 12.71
C TYR A 124 15.54 4.39 13.87
N HIS A 125 15.43 5.13 14.97
CA HIS A 125 14.69 4.64 16.12
C HIS A 125 13.20 4.52 15.78
N GLY A 126 12.60 3.38 16.10
CA GLY A 126 11.27 3.03 15.66
C GLY A 126 10.19 4.08 15.83
N TRP A 127 10.42 5.04 16.72
CA TRP A 127 9.38 6.02 17.01
C TRP A 127 9.09 6.91 15.81
N VAL A 128 10.08 7.14 14.94
CA VAL A 128 9.82 7.94 13.75
C VAL A 128 8.95 7.18 12.75
N LEU A 129 9.18 5.87 12.64
CA LEU A 129 8.33 5.05 11.78
C LEU A 129 6.91 5.01 12.33
N THR A 130 6.77 4.84 13.64
CA THR A 130 5.44 4.87 14.25
C THR A 130 4.75 6.21 14.02
N SER A 131 5.49 7.31 14.15
CA SER A 131 4.90 8.63 13.92
C SER A 131 4.45 8.78 12.48
N CYS A 132 5.26 8.32 11.52
CA CYS A 132 4.85 8.36 10.12
C CYS A 132 3.57 7.55 9.91
N TYR A 133 3.49 6.37 10.52
CA TYR A 133 2.29 5.54 10.37
C TYR A 133 1.05 6.25 10.91
N ILE A 134 1.13 6.77 12.13
CA ILE A 134 -0.06 7.40 12.71
C ILE A 134 -0.38 8.69 11.97
N LEU A 135 0.61 9.35 11.36
CA LEU A 135 0.33 10.55 10.59
C LEU A 135 -0.41 10.21 9.31
N ILE A 136 0.05 9.17 8.59
CA ILE A 136 -0.65 8.74 7.40
C ILE A 136 -2.08 8.33 7.74
N ILE A 137 -2.25 7.63 8.86
CA ILE A 137 -3.61 7.22 9.27
C ILE A 137 -4.47 8.43 9.55
N THR A 138 -3.93 9.41 10.29
CA THR A 138 -4.72 10.58 10.67
C THR A 138 -5.08 11.44 9.46
N ILE A 139 -4.26 11.42 8.40
CA ILE A 139 -4.62 12.18 7.21
C ILE A 139 -5.62 11.42 6.36
N ALA A 140 -5.45 10.10 6.22
CA ALA A 140 -6.42 9.30 5.51
C ALA A 140 -7.78 9.33 6.19
N ASN A 141 -7.79 9.46 7.51
CA ASN A 141 -9.05 9.49 8.25
C ASN A 141 -9.83 10.78 8.02
N ILE A 142 -9.16 11.86 7.62
CA ILE A 142 -9.86 13.07 7.25
C ILE A 142 -10.25 13.05 5.78
N ALA A 143 -9.41 12.48 4.94
CA ALA A 143 -9.80 12.26 3.54
C ALA A 143 -11.08 11.43 3.47
N ASN A 144 -11.17 10.40 4.32
CA ASN A 144 -12.36 9.54 4.31
C ASN A 144 -13.59 10.30 4.78
N LEU A 145 -13.45 11.18 5.77
CA LEU A 145 -14.60 11.95 6.23
C LEU A 145 -15.06 12.92 5.15
N ALA A 146 -14.13 13.54 4.43
CA ALA A 146 -14.52 14.44 3.35
C ALA A 146 -15.20 13.67 2.22
N SER A 147 -14.71 12.47 1.92
CA SER A 147 -15.36 11.65 0.90
C SER A 147 -16.76 11.24 1.35
N THR A 148 -16.93 10.94 2.63
CA THR A 148 -18.25 10.65 3.16
C THR A 148 -19.19 11.83 2.99
N ALA A 149 -18.71 13.04 3.30
CA ALA A 149 -19.56 14.22 3.18
C ALA A 149 -19.96 14.47 1.73
N THR A 150 -19.01 14.39 0.80
CA THR A 150 -19.37 14.61 -0.60
C THR A 150 -20.28 13.50 -1.12
N ALA A 151 -20.11 12.26 -0.65
CA ALA A 151 -21.03 11.19 -0.99
C ALA A 151 -22.44 11.54 -0.55
N ILE A 152 -22.61 11.87 0.73
CA ILE A 152 -23.92 12.24 1.25
C ILE A 152 -24.55 13.32 0.38
N THR A 153 -23.84 14.44 0.20
CA THR A 153 -24.47 15.59 -0.43
C THR A 153 -24.76 15.35 -1.90
N ILE A 154 -23.87 14.67 -2.63
CA ILE A 154 -24.08 14.53 -4.06
C ILE A 154 -25.04 13.38 -4.36
N GLN A 155 -24.76 12.19 -3.83
CA GLN A 155 -25.60 11.05 -4.14
C GLN A 155 -27.00 11.21 -3.54
N ARG A 156 -27.08 11.56 -2.26
CA ARG A 156 -28.36 11.52 -1.57
C ARG A 156 -29.16 12.82 -1.69
N ASP A 157 -28.56 13.91 -2.16
CA ASP A 157 -29.29 15.15 -2.32
C ASP A 157 -29.26 15.67 -3.75
N TRP A 158 -28.10 15.72 -4.38
CA TRP A 158 -28.01 16.32 -5.72
C TRP A 158 -28.58 15.41 -6.80
N ILE A 159 -28.34 14.11 -6.69
CA ILE A 159 -28.87 13.17 -7.68
C ILE A 159 -30.39 13.11 -7.63
N VAL A 160 -30.99 13.39 -6.48
CA VAL A 160 -32.43 13.27 -6.34
C VAL A 160 -33.19 14.51 -6.82
N VAL A 161 -32.50 15.64 -6.99
CA VAL A 161 -33.16 16.87 -7.40
C VAL A 161 -32.94 17.11 -8.89
N VAL A 162 -31.78 16.68 -9.40
CA VAL A 162 -31.50 16.84 -10.83
C VAL A 162 -32.39 15.96 -11.69
N ALA A 163 -33.06 14.98 -11.09
CA ALA A 163 -34.10 14.20 -11.74
C ALA A 163 -35.34 14.30 -10.87
N GLY A 164 -36.43 14.82 -11.42
CA GLY A 164 -37.53 15.26 -10.60
C GLY A 164 -38.55 14.20 -10.26
N GLU A 165 -39.80 14.41 -10.69
CA GLU A 165 -40.87 13.49 -10.33
C GLU A 165 -40.62 12.10 -10.91
N ASP A 166 -40.03 12.03 -12.10
CA ASP A 166 -39.80 10.75 -12.76
C ASP A 166 -38.97 9.84 -11.87
N ARG A 167 -39.40 8.59 -11.75
CA ARG A 167 -38.75 7.62 -10.86
C ARG A 167 -37.85 6.65 -11.59
N SER A 168 -38.02 6.48 -12.90
CA SER A 168 -37.14 5.61 -13.67
C SER A 168 -35.80 6.28 -13.95
N LYS A 169 -35.82 7.61 -14.14
CA LYS A 169 -34.60 8.37 -14.34
C LYS A 169 -33.66 8.22 -13.15
N LEU A 170 -34.21 8.36 -11.94
CA LEU A 170 -33.40 8.20 -10.73
C LEU A 170 -32.79 6.81 -10.66
N ALA A 171 -33.57 5.79 -11.02
CA ALA A 171 -33.06 4.42 -10.97
C ALA A 171 -31.92 4.23 -11.97
N ASN A 172 -32.09 4.73 -13.19
CA ASN A 172 -31.01 4.65 -14.17
C ASN A 172 -29.77 5.38 -13.68
N MET A 173 -29.95 6.54 -13.06
CA MET A 173 -28.80 7.28 -12.54
C MET A 173 -28.05 6.45 -11.52
N ASN A 174 -28.76 5.92 -10.52
CA ASN A 174 -28.10 5.10 -9.50
C ASN A 174 -27.42 3.90 -10.13
N ALA A 175 -28.05 3.29 -11.14
CA ALA A 175 -27.47 2.11 -11.77
C ALA A 175 -26.16 2.44 -12.46
N THR A 176 -26.15 3.48 -13.30
CA THR A 176 -24.92 3.83 -14.00
C THR A 176 -23.84 4.32 -13.06
N ILE A 177 -24.22 4.99 -11.96
CA ILE A 177 -23.23 5.37 -10.95
C ILE A 177 -22.57 4.12 -10.39
N ARG A 178 -23.37 3.11 -10.04
CA ARG A 178 -22.79 1.89 -9.50
C ARG A 178 -21.93 1.18 -10.54
N ARG A 179 -22.32 1.24 -11.82
CA ARG A 179 -21.50 0.62 -12.86
C ARG A 179 -20.16 1.32 -12.99
N ILE A 180 -20.17 2.67 -12.96
CA ILE A 180 -18.92 3.42 -12.98
C ILE A 180 -18.02 3.00 -11.82
N ASP A 181 -18.61 2.90 -10.62
CA ASP A 181 -17.84 2.45 -9.46
C ASP A 181 -17.24 1.08 -9.70
N GLN A 182 -18.04 0.16 -10.24
CA GLN A 182 -17.57 -1.21 -10.45
C GLN A 182 -16.42 -1.26 -11.45
N LEU A 183 -16.52 -0.48 -12.52
CA LEU A 183 -15.44 -0.48 -13.51
C LEU A 183 -14.17 0.13 -12.94
N THR A 184 -14.27 1.29 -12.29
CA THR A 184 -13.09 1.95 -11.76
C THR A 184 -12.41 1.10 -10.69
N ASN A 185 -13.18 0.38 -9.88
CA ASN A 185 -12.61 -0.46 -8.83
C ASN A 185 -11.56 -1.43 -9.36
N ILE A 186 -11.69 -1.84 -10.62
CA ILE A 186 -10.77 -2.83 -11.18
C ILE A 186 -9.82 -2.16 -12.16
N LEU A 187 -10.22 -1.03 -12.73
CA LEU A 187 -9.38 -0.37 -13.72
C LEU A 187 -8.26 0.43 -13.06
N ALA A 188 -8.58 1.21 -12.02
CA ALA A 188 -7.59 2.12 -11.45
C ALA A 188 -6.43 1.40 -10.77
N PRO A 189 -6.66 0.37 -9.93
CA PRO A 189 -5.51 -0.34 -9.36
C PRO A 189 -4.58 -0.92 -10.39
N MET A 190 -5.10 -1.40 -11.52
CA MET A 190 -4.24 -1.93 -12.57
C MET A 190 -3.35 -0.84 -13.16
N ALA A 191 -3.92 0.33 -13.43
CA ALA A 191 -3.14 1.43 -13.98
C ALA A 191 -2.04 1.85 -13.02
N VAL A 192 -2.38 2.01 -11.73
CA VAL A 192 -1.35 2.41 -10.78
C VAL A 192 -0.30 1.33 -10.60
N GLY A 193 -0.71 0.05 -10.67
CA GLY A 193 0.26 -1.02 -10.61
C GLY A 193 1.25 -0.99 -11.76
N GLN A 194 0.74 -0.74 -12.97
CA GLN A 194 1.63 -0.61 -14.12
C GLN A 194 2.59 0.56 -13.94
N ILE A 195 2.06 1.71 -13.50
CA ILE A 195 2.91 2.89 -13.34
C ILE A 195 3.97 2.66 -12.28
N MET A 196 3.64 1.92 -11.23
CA MET A 196 4.64 1.62 -10.20
C MET A 196 5.62 0.55 -10.65
N THR A 197 5.20 -0.35 -11.55
CA THR A 197 6.09 -1.39 -12.03
C THR A 197 7.11 -0.83 -13.00
N PHE A 198 6.65 -0.20 -14.07
CA PHE A 198 7.57 0.39 -15.04
C PHE A 198 8.22 1.67 -14.55
N GLY A 199 7.93 2.09 -13.32
CA GLY A 199 8.55 3.25 -12.73
C GLY A 199 9.02 2.97 -11.32
N SER A 200 8.55 3.76 -10.36
CA SER A 200 8.85 3.56 -8.96
C SER A 200 7.68 4.09 -8.15
N PRO A 201 7.50 3.61 -6.92
CA PRO A 201 6.46 4.19 -6.05
C PRO A 201 6.61 5.68 -5.87
N VAL A 202 7.84 6.20 -5.93
CA VAL A 202 8.05 7.64 -5.82
C VAL A 202 7.41 8.37 -6.99
N ILE A 203 7.28 7.71 -8.14
CA ILE A 203 6.62 8.31 -9.29
C ILE A 203 5.12 8.10 -9.22
N GLY A 204 4.67 6.94 -8.73
CA GLY A 204 3.23 6.72 -8.58
C GLY A 204 2.59 7.69 -7.62
N CYS A 205 3.21 7.88 -6.45
CA CYS A 205 2.66 8.78 -5.46
C CYS A 205 2.82 10.25 -5.83
N GLY A 206 3.47 10.56 -6.95
CA GLY A 206 3.53 11.92 -7.43
C GLY A 206 2.52 12.13 -8.53
N PHE A 207 2.38 11.10 -9.37
CA PHE A 207 1.30 11.11 -10.35
C PHE A 207 -0.06 11.20 -9.67
N ILE A 208 -0.19 10.57 -8.50
CA ILE A 208 -1.45 10.66 -7.77
C ILE A 208 -1.72 12.08 -7.31
N SER A 209 -0.72 12.77 -6.79
CA SER A 209 -0.93 14.15 -6.34
C SER A 209 -1.23 15.08 -7.51
N GLY A 210 -0.52 14.93 -8.62
CA GLY A 210 -0.82 15.74 -9.79
C GLY A 210 -2.23 15.49 -10.32
N TRP A 211 -2.61 14.22 -10.42
CA TRP A 211 -3.96 13.87 -10.84
C TRP A 211 -4.99 14.51 -9.92
N ASN A 212 -4.76 14.47 -8.61
CA ASN A 212 -5.73 15.02 -7.68
C ASN A 212 -5.81 16.53 -7.78
N LEU A 213 -4.69 17.21 -8.05
CA LEU A 213 -4.74 18.66 -8.23
C LEU A 213 -5.57 19.03 -9.46
N VAL A 214 -5.21 18.47 -10.62
CA VAL A 214 -5.95 18.79 -11.84
C VAL A 214 -7.41 18.38 -11.71
N SER A 215 -7.66 17.25 -11.04
CA SER A 215 -9.02 16.79 -10.87
C SER A 215 -9.81 17.71 -9.95
N MET A 216 -9.18 18.23 -8.90
CA MET A 216 -9.86 19.20 -8.05
C MET A 216 -10.30 20.41 -8.86
N CYS A 217 -9.40 20.92 -9.71
CA CYS A 217 -9.78 22.08 -10.53
C CYS A 217 -10.94 21.76 -11.47
N VAL A 218 -10.81 20.65 -12.22
CA VAL A 218 -11.83 20.31 -13.20
C VAL A 218 -13.18 20.03 -12.51
N GLU A 219 -13.16 19.32 -11.39
CA GLU A 219 -14.40 19.00 -10.70
C GLU A 219 -15.02 20.25 -10.09
N TYR A 220 -14.20 21.20 -9.63
CA TYR A 220 -14.75 22.47 -9.17
C TYR A 220 -15.52 23.15 -10.30
N VAL A 221 -14.91 23.22 -11.49
CA VAL A 221 -15.60 23.88 -12.60
C VAL A 221 -16.85 23.12 -13.00
N LEU A 222 -16.80 21.79 -12.97
CA LEU A 222 -17.97 20.99 -13.34
C LEU A 222 -19.11 21.15 -12.34
N LEU A 223 -18.78 21.22 -11.05
CA LEU A 223 -19.80 21.47 -10.04
C LEU A 223 -20.44 22.83 -10.24
N TRP A 224 -19.62 23.85 -10.54
CA TRP A 224 -20.21 25.17 -10.78
C TRP A 224 -21.10 25.17 -12.00
N LYS A 225 -20.69 24.44 -13.05
CA LYS A 225 -21.51 24.38 -14.26
C LYS A 225 -22.84 23.70 -13.98
N VAL A 226 -22.81 22.58 -13.24
CA VAL A 226 -24.05 21.91 -12.86
C VAL A 226 -24.95 22.86 -12.08
N TYR A 227 -24.39 23.54 -11.08
CA TYR A 227 -25.19 24.44 -10.26
C TYR A 227 -25.75 25.59 -11.07
N GLN A 228 -25.04 26.00 -12.13
CA GLN A 228 -25.58 27.04 -13.01
C GLN A 228 -26.67 26.49 -13.91
N LYS A 229 -26.62 25.19 -14.21
CA LYS A 229 -27.55 24.62 -15.18
C LYS A 229 -28.96 24.47 -14.60
N THR A 230 -29.08 23.89 -13.40
CA THR A 230 -30.38 23.61 -12.83
C THR A 230 -30.74 24.66 -11.80
N PRO A 231 -31.67 25.57 -12.07
CA PRO A 231 -32.06 26.56 -11.05
C PRO A 231 -32.83 25.95 -9.89
N ALA A 232 -33.30 24.72 -10.01
CA ALA A 232 -34.02 24.04 -8.94
C ALA A 232 -33.10 23.48 -7.88
N LEU A 233 -31.83 23.88 -7.87
CA LEU A 233 -30.88 23.41 -6.88
C LEU A 233 -30.54 24.46 -5.83
N ALA A 234 -30.86 25.72 -6.09
CA ALA A 234 -30.62 26.79 -5.13
C ALA A 234 -31.75 26.98 -4.15
N VAL A 235 -32.93 26.43 -4.44
CA VAL A 235 -34.10 26.61 -3.57
C VAL A 235 -34.02 25.58 -2.46
N LYS A 236 -33.39 25.94 -1.35
CA LYS A 236 -33.31 25.06 -0.19
C LYS A 236 -34.64 25.14 0.55
N ALA A 237 -35.42 24.06 0.48
CA ALA A 237 -36.74 24.06 1.11
C ALA A 237 -36.64 24.07 2.63
N GLY A 238 -35.53 23.58 3.18
CA GLY A 238 -35.34 23.56 4.62
C GLY A 238 -35.27 24.95 5.25
N PRO A 291 -22.48 20.28 19.90
CA PRO A 291 -22.41 19.44 21.10
C PRO A 291 -23.08 18.09 20.92
N PHE A 292 -24.03 17.77 21.80
CA PHE A 292 -24.70 16.47 21.76
C PHE A 292 -26.17 16.57 21.39
N ARG A 293 -26.79 17.74 21.51
CA ARG A 293 -28.21 17.87 21.21
C ARG A 293 -28.53 17.40 19.80
N THR A 294 -27.77 17.87 18.82
CA THR A 294 -28.02 17.47 17.43
C THR A 294 -27.75 15.99 17.22
N PHE A 295 -26.71 15.45 17.86
CA PHE A 295 -26.39 14.04 17.74
C PHE A 295 -27.55 13.17 18.20
N ARG A 296 -28.00 13.37 19.44
CA ARG A 296 -29.09 12.57 19.99
C ARG A 296 -30.38 12.81 19.22
N ASP A 297 -30.64 14.06 18.84
CA ASP A 297 -31.85 14.35 18.07
C ASP A 297 -31.85 13.59 16.76
N GLY A 298 -30.70 13.55 16.07
CA GLY A 298 -30.62 12.83 14.82
C GLY A 298 -30.82 11.33 15.00
N TRP A 299 -30.19 10.75 16.03
CA TRP A 299 -30.34 9.32 16.22
C TRP A 299 -31.78 8.94 16.57
N VAL A 300 -32.41 9.70 17.47
CA VAL A 300 -33.78 9.38 17.85
C VAL A 300 -34.74 9.64 16.71
N SER A 301 -34.45 10.62 15.85
CA SER A 301 -35.29 10.85 14.68
C SER A 301 -35.06 9.80 13.60
N TYR A 302 -33.90 9.14 13.61
CA TYR A 302 -33.65 8.03 12.70
C TYR A 302 -34.30 6.74 13.19
N TYR A 303 -34.40 6.57 14.51
CA TYR A 303 -35.01 5.35 15.05
C TYR A 303 -36.44 5.18 14.53
N ASN A 304 -37.22 6.25 14.54
CA ASN A 304 -38.63 6.16 14.17
C ASN A 304 -38.89 6.59 12.73
N GLN A 305 -37.97 6.27 11.82
CA GLN A 305 -38.24 6.51 10.42
C GLN A 305 -39.02 5.33 9.83
N PRO A 306 -39.99 5.59 8.94
CA PRO A 306 -40.74 4.49 8.32
C PRO A 306 -39.87 3.41 7.70
N VAL A 307 -38.64 3.73 7.30
CA VAL A 307 -37.77 2.77 6.64
C VAL A 307 -36.61 2.40 7.53
N PHE A 308 -36.83 2.47 8.85
CA PHE A 308 -35.76 2.15 9.78
C PHE A 308 -35.31 0.70 9.65
N LEU A 309 -36.25 -0.22 9.44
CA LEU A 309 -35.90 -1.63 9.40
C LEU A 309 -35.16 -2.00 8.12
N ALA A 310 -35.57 -1.44 6.98
CA ALA A 310 -34.83 -1.69 5.75
C ALA A 310 -33.41 -1.12 5.83
N GLY A 311 -33.27 0.08 6.39
CA GLY A 311 -31.94 0.64 6.57
C GLY A 311 -31.08 -0.20 7.49
N MET A 312 -31.67 -0.71 8.57
CA MET A 312 -30.94 -1.60 9.47
C MET A 312 -30.55 -2.89 8.76
N GLY A 313 -31.42 -3.41 7.91
CA GLY A 313 -31.09 -4.59 7.14
C GLY A 313 -29.92 -4.35 6.20
N LEU A 314 -29.93 -3.21 5.49
CA LEU A 314 -28.79 -2.87 4.64
C LEU A 314 -27.52 -2.74 5.47
N ALA A 315 -27.62 -2.11 6.64
CA ALA A 315 -26.46 -1.97 7.51
C ALA A 315 -25.89 -3.33 7.87
N PHE A 316 -26.75 -4.31 8.13
CA PHE A 316 -26.28 -5.60 8.61
C PHE A 316 -25.41 -6.33 7.60
N LEU A 317 -25.57 -6.03 6.31
CA LEU A 317 -24.81 -6.74 5.28
C LEU A 317 -23.35 -6.34 5.21
N TYR A 318 -22.91 -5.37 6.01
CA TYR A 318 -21.50 -5.00 6.04
C TYR A 318 -20.69 -5.82 7.02
N MET A 319 -21.34 -6.57 7.89
CA MET A 319 -20.67 -7.54 8.75
C MET A 319 -20.49 -8.81 7.94
N THR A 320 -19.35 -8.93 7.27
CA THR A 320 -19.11 -10.07 6.41
C THR A 320 -17.64 -10.18 6.09
N VAL A 321 -17.20 -11.40 5.84
CA VAL A 321 -15.89 -11.68 5.28
C VAL A 321 -15.97 -12.20 3.85
N LEU A 322 -17.17 -12.55 3.38
CA LEU A 322 -17.38 -13.07 2.04
C LEU A 322 -17.26 -11.97 1.00
N GLY A 323 -16.05 -11.69 0.56
CA GLY A 323 -15.84 -10.66 -0.45
C GLY A 323 -14.41 -10.65 -0.96
N PHE A 324 -13.83 -9.46 -1.09
CA PHE A 324 -12.42 -9.32 -1.44
C PHE A 324 -11.84 -8.27 -0.50
N ASP A 325 -11.19 -8.73 0.56
CA ASP A 325 -10.79 -7.88 1.67
C ASP A 325 -9.39 -8.31 2.10
N CYS A 326 -8.96 -7.85 3.27
CA CYS A 326 -7.60 -8.14 3.75
C CYS A 326 -7.43 -9.58 4.20
N ILE A 327 -8.51 -10.28 4.51
CA ILE A 327 -8.43 -11.62 5.08
C ILE A 327 -8.73 -12.70 4.06
N THR A 328 -9.76 -12.51 3.23
CA THR A 328 -10.14 -13.55 2.29
C THR A 328 -9.11 -13.71 1.17
N THR A 329 -8.44 -12.64 0.77
CA THR A 329 -7.38 -12.78 -0.22
C THR A 329 -6.19 -13.52 0.36
N GLY A 330 -5.86 -13.27 1.62
CA GLY A 330 -4.83 -14.06 2.28
C GLY A 330 -5.21 -15.52 2.39
N TYR A 331 -6.49 -15.78 2.65
CA TYR A 331 -6.99 -17.16 2.66
C TYR A 331 -6.78 -17.82 1.30
N ALA A 332 -7.18 -17.12 0.22
CA ALA A 332 -6.98 -17.65 -1.12
C ALA A 332 -5.50 -17.92 -1.39
N TYR A 333 -4.63 -16.97 -1.02
CA TYR A 333 -3.19 -17.18 -1.16
C TYR A 333 -2.73 -18.43 -0.42
N THR A 334 -3.25 -18.64 0.79
CA THR A 334 -2.93 -19.84 1.55
C THR A 334 -3.41 -21.10 0.83
N GLN A 335 -4.50 -21.00 0.07
CA GLN A 335 -4.97 -22.14 -0.72
C GLN A 335 -4.21 -22.31 -2.03
N GLY A 336 -3.06 -21.66 -2.18
CA GLY A 336 -2.19 -21.92 -3.31
C GLY A 336 -2.73 -21.48 -4.66
N LEU A 337 -3.24 -20.25 -4.75
CA LEU A 337 -3.70 -19.74 -6.02
C LEU A 337 -2.68 -18.78 -6.63
N SER A 338 -2.95 -18.36 -7.86
CA SER A 338 -2.05 -17.51 -8.62
C SER A 338 -2.60 -16.08 -8.71
N GLY A 339 -1.70 -15.16 -9.08
CA GLY A 339 -2.14 -13.79 -9.29
C GLY A 339 -3.15 -13.65 -10.42
N SER A 340 -2.92 -14.35 -11.52
CA SER A 340 -3.78 -14.21 -12.69
C SER A 340 -5.19 -14.73 -12.42
N ILE A 341 -5.30 -15.85 -11.70
CA ILE A 341 -6.62 -16.37 -11.39
C ILE A 341 -7.36 -15.41 -10.45
N LEU A 342 -6.62 -14.74 -9.56
CA LEU A 342 -7.25 -13.74 -8.72
C LEU A 342 -7.71 -12.55 -9.53
N SER A 343 -6.93 -12.14 -10.53
CA SER A 343 -7.32 -11.02 -11.38
C SER A 343 -8.59 -11.34 -12.15
N ILE A 344 -8.65 -12.53 -12.75
CA ILE A 344 -9.87 -12.89 -13.49
C ILE A 344 -11.03 -13.11 -12.53
N LEU A 345 -10.75 -13.48 -11.28
CA LEU A 345 -11.82 -13.59 -10.28
C LEU A 345 -12.40 -12.22 -9.97
N MET A 346 -11.56 -11.21 -9.79
CA MET A 346 -12.06 -9.85 -9.59
C MET A 346 -12.83 -9.37 -10.81
N GLY A 347 -12.36 -9.71 -12.00
CA GLY A 347 -13.10 -9.36 -13.20
C GLY A 347 -14.47 -9.99 -13.24
N ALA A 348 -14.56 -11.27 -12.85
CA ALA A 348 -15.85 -11.95 -12.80
C ALA A 348 -16.75 -11.31 -11.74
N SER A 349 -16.17 -10.87 -10.63
CA SER A 349 -16.95 -10.18 -9.61
C SER A 349 -17.53 -8.88 -10.16
N ALA A 350 -16.73 -8.13 -10.92
CA ALA A 350 -17.25 -6.91 -11.53
C ALA A 350 -18.33 -7.21 -12.54
N ILE A 351 -18.17 -8.30 -13.30
CA ILE A 351 -19.19 -8.69 -14.28
C ILE A 351 -20.51 -9.01 -13.57
N THR A 352 -20.43 -9.77 -12.48
CA THR A 352 -21.63 -10.11 -11.73
C THR A 352 -22.24 -8.87 -11.10
N GLY A 353 -21.42 -7.91 -10.68
CA GLY A 353 -21.96 -6.67 -10.15
C GLY A 353 -22.76 -5.90 -11.18
N ILE A 354 -22.21 -5.79 -12.39
CA ILE A 354 -22.96 -5.10 -13.46
C ILE A 354 -24.24 -5.86 -13.79
N MET A 355 -24.17 -7.19 -13.79
CA MET A 355 -25.37 -8.00 -13.94
C MET A 355 -26.40 -7.65 -12.88
N GLY A 356 -25.94 -7.48 -11.63
CA GLY A 356 -26.87 -7.16 -10.56
C GLY A 356 -27.51 -5.80 -10.74
N THR A 357 -26.75 -4.83 -11.23
CA THR A 357 -27.33 -3.51 -11.48
C THR A 357 -28.41 -3.57 -12.55
N VAL A 358 -28.14 -4.25 -13.67
CA VAL A 358 -29.16 -4.31 -14.71
C VAL A 358 -30.35 -5.16 -14.27
N ALA A 359 -30.11 -6.19 -13.46
CA ALA A 359 -31.21 -6.98 -12.92
C ALA A 359 -32.09 -6.15 -12.01
N PHE A 360 -31.49 -5.32 -11.16
CA PHE A 360 -32.28 -4.41 -10.35
C PHE A 360 -33.11 -3.48 -11.20
N THR A 361 -32.51 -2.91 -12.25
CA THR A 361 -33.25 -2.00 -13.11
C THR A 361 -34.49 -2.68 -13.67
N TRP A 362 -34.31 -3.86 -14.27
CA TRP A 362 -35.45 -4.52 -14.90
C TRP A 362 -36.49 -4.94 -13.87
N LEU A 363 -36.06 -5.53 -12.75
CA LEU A 363 -37.01 -5.93 -11.70
C LEU A 363 -37.82 -4.73 -11.22
N ARG A 364 -37.13 -3.66 -10.83
CA ARG A 364 -37.82 -2.45 -10.38
C ARG A 364 -38.82 -1.97 -11.42
N ARG A 365 -38.48 -2.10 -12.71
CA ARG A 365 -39.42 -1.67 -13.74
C ARG A 365 -40.65 -2.57 -13.78
N LYS A 366 -40.48 -3.87 -13.55
CA LYS A 366 -41.60 -4.80 -13.77
C LYS A 366 -42.43 -5.02 -12.52
N CYS A 367 -41.84 -5.59 -11.47
CA CYS A 367 -42.63 -6.01 -10.31
C CYS A 367 -42.93 -4.84 -9.38
N GLY A 368 -41.89 -4.24 -8.82
CA GLY A 368 -42.08 -3.15 -7.88
C GLY A 368 -40.80 -2.86 -7.13
N LEU A 369 -40.84 -1.75 -6.39
CA LEU A 369 -39.65 -1.30 -5.68
C LEU A 369 -39.35 -2.19 -4.47
N VAL A 370 -40.39 -2.64 -3.77
CA VAL A 370 -40.19 -3.25 -2.45
C VAL A 370 -39.85 -4.74 -2.57
N ARG A 371 -40.52 -5.46 -3.48
CA ARG A 371 -40.30 -6.89 -3.60
C ARG A 371 -38.97 -7.22 -4.27
N THR A 372 -38.35 -6.25 -4.94
CA THR A 372 -37.01 -6.46 -5.47
C THR A 372 -36.02 -6.75 -4.35
N GLY A 373 -36.19 -6.13 -3.20
CA GLY A 373 -35.36 -6.46 -2.06
C GLY A 373 -35.49 -7.91 -1.64
N LEU A 374 -36.74 -8.42 -1.64
CA LEU A 374 -36.95 -9.82 -1.27
C LEU A 374 -36.34 -10.76 -2.29
N ILE A 375 -36.52 -10.47 -3.59
CA ILE A 375 -35.92 -11.31 -4.63
C ILE A 375 -34.40 -11.33 -4.48
N SER A 376 -33.80 -10.16 -4.26
CA SER A 376 -32.36 -10.07 -4.12
C SER A 376 -31.89 -10.83 -2.88
N GLY A 377 -32.63 -10.72 -1.78
CA GLY A 377 -32.26 -11.47 -0.58
C GLY A 377 -32.31 -12.96 -0.81
N LEU A 378 -33.35 -13.43 -1.49
CA LEU A 378 -33.45 -14.86 -1.79
C LEU A 378 -32.30 -15.31 -2.67
N ALA A 379 -31.92 -14.50 -3.66
CA ALA A 379 -30.81 -14.87 -4.53
C ALA A 379 -29.51 -14.94 -3.75
N GLN A 380 -29.23 -13.92 -2.94
CA GLN A 380 -27.98 -13.90 -2.18
C GLN A 380 -27.91 -15.07 -1.21
N LEU A 381 -29.02 -15.36 -0.53
CA LEU A 381 -29.03 -16.48 0.41
C LEU A 381 -28.88 -17.81 -0.33
N SER A 382 -29.48 -17.92 -1.52
CA SER A 382 -29.32 -19.14 -2.31
C SER A 382 -27.86 -19.40 -2.63
N CYS A 383 -27.13 -18.37 -3.05
CA CYS A 383 -25.71 -18.58 -3.35
C CYS A 383 -24.89 -18.77 -2.07
N LEU A 384 -25.28 -18.12 -0.99
CA LEU A 384 -24.57 -18.32 0.27
C LEU A 384 -24.81 -19.69 0.85
N ILE A 385 -25.84 -20.41 0.39
CA ILE A 385 -25.98 -21.81 0.81
C ILE A 385 -24.83 -22.64 0.26
N LEU A 386 -24.41 -22.36 -0.99
CA LEU A 386 -23.18 -22.96 -1.49
C LEU A 386 -21.98 -22.46 -0.70
N CYS A 387 -21.98 -21.17 -0.36
CA CYS A 387 -20.86 -20.62 0.41
C CYS A 387 -20.68 -21.36 1.74
N VAL A 388 -21.77 -21.70 2.41
CA VAL A 388 -21.67 -22.37 3.70
C VAL A 388 -21.43 -23.87 3.52
N ILE A 389 -21.97 -24.47 2.47
CA ILE A 389 -21.63 -25.87 2.15
C ILE A 389 -20.13 -26.00 1.93
N SER A 390 -19.49 -24.97 1.37
CA SER A 390 -18.07 -25.01 1.06
C SER A 390 -17.19 -25.30 2.27
N VAL A 391 -17.72 -25.21 3.48
CA VAL A 391 -16.89 -25.40 4.67
C VAL A 391 -16.70 -26.87 4.98
N PHE A 392 -17.77 -27.67 4.84
CA PHE A 392 -17.74 -29.06 5.27
C PHE A 392 -17.37 -30.03 4.17
N MET A 393 -17.58 -29.68 2.91
CA MET A 393 -17.24 -30.58 1.81
C MET A 393 -15.82 -30.34 1.32
N PRO A 451 -8.46 -31.25 -2.90
CA PRO A 451 -8.43 -29.97 -2.20
C PRO A 451 -8.79 -28.78 -3.10
N ILE A 452 -9.75 -28.99 -3.99
CA ILE A 452 -10.19 -27.92 -4.89
C ILE A 452 -11.70 -27.69 -4.85
N ILE A 453 -12.50 -28.68 -4.45
CA ILE A 453 -13.95 -28.50 -4.44
C ILE A 453 -14.36 -27.44 -3.44
N SER A 454 -13.75 -27.45 -2.25
CA SER A 454 -14.08 -26.49 -1.22
C SER A 454 -13.90 -25.05 -1.72
N VAL A 455 -12.67 -24.72 -2.13
CA VAL A 455 -12.38 -23.35 -2.53
C VAL A 455 -13.15 -22.97 -3.79
N SER A 456 -13.34 -23.91 -4.72
CA SER A 456 -14.08 -23.59 -5.93
C SER A 456 -15.54 -23.26 -5.61
N LEU A 457 -16.18 -24.07 -4.76
CA LEU A 457 -17.55 -23.77 -4.36
C LEU A 457 -17.63 -22.46 -3.60
N LEU A 458 -16.67 -22.20 -2.71
CA LEU A 458 -16.68 -20.95 -1.95
C LEU A 458 -16.63 -19.74 -2.87
N PHE A 459 -15.66 -19.71 -3.78
CA PHE A 459 -15.53 -18.57 -4.67
C PHE A 459 -16.71 -18.46 -5.63
N ALA A 460 -17.25 -19.59 -6.09
CA ALA A 460 -18.42 -19.55 -6.94
C ALA A 460 -19.60 -18.93 -6.22
N GLY A 461 -19.83 -19.34 -4.97
CA GLY A 461 -20.91 -18.76 -4.19
C GLY A 461 -20.73 -17.28 -3.97
N VAL A 462 -19.51 -16.86 -3.65
CA VAL A 462 -19.24 -15.43 -3.46
C VAL A 462 -19.60 -14.65 -4.72
N ILE A 463 -18.99 -15.05 -5.85
CA ILE A 463 -19.18 -14.31 -7.09
C ILE A 463 -20.62 -14.35 -7.55
N ALA A 464 -21.37 -15.39 -7.20
CA ALA A 464 -22.77 -15.42 -7.60
C ALA A 464 -23.62 -14.53 -6.69
N ALA A 465 -23.36 -14.55 -5.39
CA ALA A 465 -24.14 -13.74 -4.45
C ALA A 465 -23.87 -12.25 -4.62
N ARG A 466 -22.78 -11.88 -5.31
CA ARG A 466 -22.57 -10.47 -5.62
C ARG A 466 -23.78 -9.84 -6.29
N ILE A 467 -24.48 -10.60 -7.15
CA ILE A 467 -25.64 -10.05 -7.87
C ILE A 467 -26.71 -9.62 -6.88
N GLY A 468 -27.15 -10.55 -6.03
CA GLY A 468 -28.18 -10.22 -5.05
C GLY A 468 -27.74 -9.12 -4.12
N LEU A 469 -26.48 -9.15 -3.68
CA LEU A 469 -25.98 -8.10 -2.80
C LEU A 469 -26.15 -6.72 -3.41
N TRP A 470 -25.66 -6.56 -4.64
CA TRP A 470 -25.66 -5.23 -5.24
C TRP A 470 -27.07 -4.77 -5.57
N SER A 471 -27.92 -5.67 -6.07
CA SER A 471 -29.28 -5.22 -6.38
C SER A 471 -30.07 -4.89 -5.10
N PHE A 472 -29.85 -5.64 -4.02
CA PHE A 472 -30.52 -5.33 -2.76
C PHE A 472 -30.10 -3.97 -2.24
N ASP A 473 -28.79 -3.69 -2.23
CA ASP A 473 -28.40 -2.40 -1.68
C ASP A 473 -28.84 -1.26 -2.58
N LEU A 474 -28.93 -1.50 -3.90
CA LEU A 474 -29.48 -0.47 -4.78
C LEU A 474 -30.93 -0.15 -4.42
N THR A 475 -31.75 -1.18 -4.22
CA THR A 475 -33.14 -0.88 -3.91
C THR A 475 -33.31 -0.28 -2.52
N VAL A 476 -32.46 -0.65 -1.57
CA VAL A 476 -32.53 -0.02 -0.25
C VAL A 476 -32.11 1.45 -0.33
N THR A 477 -31.10 1.74 -1.16
CA THR A 477 -30.69 3.12 -1.38
C THR A 477 -31.84 3.94 -1.97
N GLN A 478 -32.52 3.39 -2.97
CA GLN A 478 -33.64 4.12 -3.56
C GLN A 478 -34.78 4.30 -2.56
N LEU A 479 -35.01 3.29 -1.70
CA LEU A 479 -36.01 3.46 -0.64
C LEU A 479 -35.63 4.58 0.30
N LEU A 480 -34.36 4.66 0.67
CA LEU A 480 -33.89 5.74 1.53
C LEU A 480 -34.13 7.11 0.88
N GLN A 481 -33.62 7.29 -0.33
CA GLN A 481 -33.60 8.62 -0.94
C GLN A 481 -34.90 8.97 -1.67
N GLU A 482 -36.01 8.34 -1.31
CA GLU A 482 -37.27 8.66 -1.98
C GLU A 482 -38.40 8.94 -1.01
N ASN A 483 -38.31 8.40 0.20
CA ASN A 483 -39.37 8.56 1.20
C ASN A 483 -39.07 9.65 2.22
N VAL A 484 -37.81 9.80 2.62
CA VAL A 484 -37.49 10.67 3.75
C VAL A 484 -37.71 12.13 3.37
N ILE A 485 -38.01 12.95 4.37
CA ILE A 485 -38.42 14.33 4.13
C ILE A 485 -37.24 15.12 3.57
N GLU A 486 -37.56 16.16 2.80
CA GLU A 486 -36.55 16.88 2.03
C GLU A 486 -35.55 17.61 2.93
N SER A 487 -35.93 17.93 4.16
CA SER A 487 -35.09 18.73 5.04
C SER A 487 -34.33 17.90 6.07
N GLU A 488 -34.21 16.59 5.86
CA GLU A 488 -33.48 15.76 6.80
C GLU A 488 -32.62 14.71 6.11
N ARG A 489 -32.28 14.92 4.83
CA ARG A 489 -31.49 13.93 4.10
C ARG A 489 -30.12 13.75 4.72
N GLY A 490 -29.39 14.86 4.92
CA GLY A 490 -28.02 14.75 5.38
C GLY A 490 -27.90 14.08 6.73
N ILE A 491 -28.81 14.40 7.66
CA ILE A 491 -28.64 13.94 9.03
C ILE A 491 -28.88 12.44 9.13
N ILE A 492 -29.99 11.95 8.59
CA ILE A 492 -30.27 10.52 8.69
C ILE A 492 -29.38 9.71 7.76
N ASN A 493 -28.89 10.28 6.67
CA ASN A 493 -27.91 9.55 5.87
C ASN A 493 -26.56 9.48 6.56
N GLY A 494 -26.20 10.52 7.32
CA GLY A 494 -25.02 10.42 8.16
C GLY A 494 -25.18 9.36 9.23
N VAL A 495 -26.39 9.24 9.79
CA VAL A 495 -26.62 8.20 10.78
C VAL A 495 -26.58 6.81 10.13
N GLN A 496 -27.07 6.70 8.89
CA GLN A 496 -26.97 5.44 8.16
C GLN A 496 -25.52 5.05 7.94
N ASN A 497 -24.69 6.00 7.51
CA ASN A 497 -23.26 5.73 7.40
C ASN A 497 -22.68 5.34 8.76
N SER A 498 -23.17 5.97 9.83
CA SER A 498 -22.68 5.65 11.17
C SER A 498 -22.98 4.20 11.53
N MET A 499 -24.17 3.72 11.16
CA MET A 499 -24.53 2.34 11.49
C MET A 499 -23.76 1.35 10.62
N ASN A 500 -23.65 1.64 9.33
CA ASN A 500 -22.82 0.82 8.45
C ASN A 500 -21.41 0.67 9.02
N TYR A 501 -20.83 1.78 9.46
CA TYR A 501 -19.48 1.71 10.01
C TYR A 501 -19.43 1.13 11.41
N LEU A 502 -20.52 1.17 12.17
CA LEU A 502 -20.56 0.43 13.43
C LEU A 502 -20.44 -1.07 13.17
N LEU A 503 -21.22 -1.57 12.21
CA LEU A 503 -21.12 -3.00 11.90
C LEU A 503 -19.78 -3.33 11.25
N ASP A 504 -19.22 -2.41 10.46
CA ASP A 504 -17.89 -2.64 9.91
C ASP A 504 -16.84 -2.68 11.01
N LEU A 505 -16.96 -1.82 12.01
CA LEU A 505 -16.07 -1.84 13.16
C LEU A 505 -16.17 -3.17 13.91
N LEU A 506 -17.40 -3.66 14.09
CA LEU A 506 -17.56 -4.98 14.72
C LEU A 506 -16.92 -6.07 13.88
N HIS A 507 -17.04 -5.96 12.55
CA HIS A 507 -16.40 -6.92 11.65
C HIS A 507 -14.89 -6.93 11.86
N PHE A 508 -14.28 -5.75 11.89
CA PHE A 508 -12.83 -5.69 12.08
C PHE A 508 -12.43 -6.24 13.44
N ILE A 509 -13.21 -5.93 14.48
CA ILE A 509 -12.94 -6.49 15.81
C ILE A 509 -12.94 -8.01 15.75
N MET A 510 -13.94 -8.58 15.07
CA MET A 510 -14.01 -10.03 14.95
C MET A 510 -12.79 -10.58 14.21
N VAL A 511 -12.34 -9.87 13.18
CA VAL A 511 -11.15 -10.34 12.45
C VAL A 511 -9.92 -10.31 13.34
N ILE A 512 -9.83 -9.34 14.26
CA ILE A 512 -8.65 -9.22 15.10
C ILE A 512 -8.49 -10.45 15.99
N LEU A 513 -9.58 -10.89 16.62
CA LEU A 513 -9.51 -11.99 17.57
C LEU A 513 -9.38 -13.36 16.91
N ALA A 514 -9.58 -13.46 15.60
CA ALA A 514 -9.63 -14.75 14.92
C ALA A 514 -8.82 -14.67 13.62
N PRO A 515 -7.50 -14.78 13.71
CA PRO A 515 -6.67 -14.71 12.50
C PRO A 515 -6.42 -16.07 11.86
N ASN A 516 -6.65 -17.15 12.59
CA ASN A 516 -6.29 -18.47 12.11
C ASN A 516 -7.16 -18.89 10.93
N PRO A 517 -6.67 -19.84 10.12
CA PRO A 517 -7.45 -20.26 8.95
C PRO A 517 -8.76 -20.98 9.28
N GLU A 518 -8.78 -21.82 10.32
CA GLU A 518 -10.04 -22.46 10.71
C GLU A 518 -11.04 -21.44 11.21
N ALA A 519 -10.53 -20.44 11.95
CA ALA A 519 -11.37 -19.32 12.34
C ALA A 519 -12.09 -18.73 11.15
N PHE A 520 -11.48 -18.77 9.96
CA PHE A 520 -12.19 -18.35 8.75
C PHE A 520 -13.36 -19.28 8.45
N GLY A 521 -13.17 -20.59 8.67
CA GLY A 521 -14.28 -21.52 8.56
C GLY A 521 -15.41 -21.22 9.51
N LEU A 522 -15.11 -20.55 10.62
CA LEU A 522 -16.18 -20.07 11.50
C LEU A 522 -16.76 -18.73 11.04
N LEU A 523 -15.90 -17.83 10.53
CA LEU A 523 -16.36 -16.51 10.12
C LEU A 523 -17.31 -16.58 8.94
N VAL A 524 -17.14 -17.58 8.07
CA VAL A 524 -18.11 -17.76 6.98
C VAL A 524 -19.50 -18.01 7.54
N LEU A 525 -19.59 -18.90 8.52
CA LEU A 525 -20.88 -19.19 9.14
C LEU A 525 -21.45 -17.95 9.82
N ILE A 526 -20.61 -17.22 10.55
CA ILE A 526 -21.08 -16.03 11.24
C ILE A 526 -21.61 -15.00 10.24
N SER A 527 -20.91 -14.85 9.10
CA SER A 527 -21.31 -13.87 8.11
C SER A 527 -22.64 -14.25 7.46
N VAL A 528 -22.82 -15.53 7.14
CA VAL A 528 -24.11 -15.94 6.56
C VAL A 528 -25.22 -15.76 7.58
N SER A 529 -24.94 -16.01 8.87
CA SER A 529 -25.95 -15.77 9.89
C SER A 529 -26.35 -14.30 9.94
N PHE A 530 -25.36 -13.41 9.86
CA PHE A 530 -25.67 -11.98 9.90
C PHE A 530 -26.45 -11.54 8.67
N VAL A 531 -26.13 -12.10 7.50
CA VAL A 531 -26.90 -11.80 6.29
C VAL A 531 -28.34 -12.29 6.45
N ALA A 532 -28.53 -13.47 7.03
CA ALA A 532 -29.86 -13.98 7.28
C ALA A 532 -30.63 -13.05 8.23
N MET A 533 -29.95 -12.55 9.27
CA MET A 533 -30.60 -11.59 10.16
C MET A 533 -31.03 -10.35 9.40
N GLY A 534 -30.15 -9.80 8.57
CA GLY A 534 -30.49 -8.60 7.83
C GLY A 534 -31.69 -8.81 6.92
N HIS A 535 -31.75 -9.95 6.27
CA HIS A 535 -32.88 -10.18 5.37
C HIS A 535 -34.15 -10.54 6.13
N ILE A 536 -34.03 -11.12 7.32
CA ILE A 536 -35.20 -11.26 8.20
C ILE A 536 -35.76 -9.89 8.54
N MET A 537 -34.89 -8.93 8.86
CA MET A 537 -35.35 -7.60 9.18
C MET A 537 -36.02 -6.94 7.97
N TYR A 538 -35.44 -7.10 6.78
CA TYR A 538 -36.09 -6.53 5.60
C TYR A 538 -37.44 -7.21 5.33
N PHE A 539 -37.53 -8.51 5.59
CA PHE A 539 -38.81 -9.20 5.42
C PHE A 539 -39.86 -8.66 6.38
N ARG A 540 -39.46 -8.39 7.62
CA ARG A 540 -40.37 -7.76 8.57
C ARG A 540 -40.83 -6.40 8.07
N PHE A 541 -39.90 -5.61 7.51
CA PHE A 541 -40.28 -4.31 6.96
C PHE A 541 -41.29 -4.46 5.83
N ALA A 542 -41.05 -5.42 4.93
CA ALA A 542 -41.96 -5.62 3.81
C ALA A 542 -43.34 -6.09 4.29
N GLN A 543 -43.38 -6.89 5.36
CA GLN A 543 -44.66 -7.30 5.92
C GLN A 543 -45.40 -6.13 6.55
N ASN A 544 -44.67 -5.25 7.24
CA ASN A 544 -45.31 -4.06 7.79
C ASN A 544 -45.89 -3.19 6.68
N THR A 545 -45.16 -3.05 5.57
CA THR A 545 -45.59 -2.12 4.52
C THR A 545 -46.73 -2.71 3.68
N LEU A 546 -46.47 -3.82 3.00
CA LEU A 546 -47.47 -4.40 2.11
C LEU A 546 -48.39 -5.35 2.87
N GLU B 1 26.54 6.81 -15.95
CA GLU B 1 27.87 6.27 -15.73
C GLU B 1 28.56 6.97 -14.57
N VAL B 2 28.63 6.30 -13.43
CA VAL B 2 29.26 6.82 -12.23
C VAL B 2 30.65 6.23 -12.12
N GLN B 3 31.61 7.03 -11.69
CA GLN B 3 32.99 6.58 -11.53
C GLN B 3 33.59 7.23 -10.29
N LEU B 4 34.37 6.45 -9.55
CA LEU B 4 35.12 6.96 -8.41
C LEU B 4 36.60 6.79 -8.69
N GLN B 5 37.42 7.51 -7.93
CA GLN B 5 38.87 7.33 -8.02
C GLN B 5 39.52 7.85 -6.74
N GLU B 6 40.36 7.01 -6.13
CA GLU B 6 41.05 7.39 -4.91
C GLU B 6 42.34 8.14 -5.23
N SER B 7 42.97 8.66 -4.20
CA SER B 7 44.30 9.26 -4.30
C SER B 7 44.83 9.47 -2.89
N GLY B 8 46.15 9.57 -2.77
CA GLY B 8 46.77 9.83 -1.50
C GLY B 8 48.26 9.58 -1.52
N PRO B 9 48.85 9.38 -0.35
CA PRO B 9 50.29 9.12 -0.27
C PRO B 9 50.60 7.63 -0.32
N GLY B 10 51.85 7.34 -0.63
CA GLY B 10 52.28 5.96 -0.70
C GLY B 10 52.34 5.32 0.66
N LEU B 11 53.26 5.77 1.51
CA LEU B 11 53.43 5.18 2.84
C LEU B 11 53.38 6.27 3.90
N ALA B 12 53.67 5.90 5.15
CA ALA B 12 53.66 6.86 6.24
C ALA B 12 54.53 6.32 7.36
N LYS B 13 54.77 7.18 8.35
CA LYS B 13 55.51 6.86 9.55
C LYS B 13 54.57 6.75 10.73
N PRO B 14 54.99 6.07 11.81
CA PRO B 14 54.15 6.03 13.00
C PRO B 14 53.89 7.42 13.54
N SER B 15 52.67 7.64 14.03
CA SER B 15 52.23 8.93 14.56
C SER B 15 52.36 10.04 13.50
N GLN B 16 51.59 9.87 12.44
CA GLN B 16 51.52 10.86 11.37
C GLN B 16 50.05 10.99 10.96
N THR B 17 49.80 11.65 9.84
CA THR B 17 48.45 11.91 9.37
C THR B 17 48.33 11.52 7.90
N LEU B 18 47.23 10.85 7.55
CA LEU B 18 46.96 10.46 6.18
C LEU B 18 45.66 11.10 5.72
N SER B 19 45.68 11.66 4.51
CA SER B 19 44.52 12.36 3.95
C SER B 19 44.21 11.76 2.59
N LEU B 20 43.42 10.69 2.58
CA LEU B 20 43.06 10.01 1.35
C LEU B 20 41.87 10.72 0.71
N THR B 21 42.03 11.11 -0.55
CA THR B 21 40.98 11.79 -1.30
C THR B 21 40.22 10.78 -2.14
N CYS B 22 38.92 11.01 -2.28
CA CYS B 22 38.10 10.25 -3.21
C CYS B 22 37.34 11.23 -4.08
N SER B 23 37.58 11.15 -5.39
CA SER B 23 36.97 12.05 -6.36
C SER B 23 35.92 11.27 -7.15
N VAL B 24 34.73 11.86 -7.28
CA VAL B 24 33.57 11.20 -7.83
C VAL B 24 33.16 11.93 -9.10
N THR B 25 33.36 11.30 -10.24
CA THR B 25 32.94 11.86 -11.52
C THR B 25 31.69 11.14 -11.99
N GLY B 26 30.68 11.91 -12.39
CA GLY B 26 29.45 11.36 -12.92
C GLY B 26 28.24 11.53 -12.03
N SER B 27 28.41 11.95 -10.78
CA SER B 27 27.30 12.15 -9.86
C SER B 27 27.81 12.93 -8.66
N SER B 28 26.98 13.86 -8.17
CA SER B 28 27.37 14.66 -7.02
C SER B 28 27.53 13.79 -5.78
N ILE B 29 28.15 14.37 -4.75
CA ILE B 29 28.27 13.71 -3.46
C ILE B 29 27.15 14.13 -2.51
N THR B 30 26.08 14.72 -3.04
CA THR B 30 24.92 15.12 -2.26
C THR B 30 23.71 14.25 -2.56
N SER B 31 23.93 12.99 -2.95
CA SER B 31 22.83 12.11 -3.31
C SER B 31 22.71 10.92 -2.36
N ASP B 32 23.75 10.11 -2.21
CA ASP B 32 23.68 8.84 -1.49
C ASP B 32 24.91 8.69 -0.62
N TYR B 33 24.87 7.74 0.31
CA TYR B 33 25.91 7.65 1.32
C TYR B 33 27.25 7.30 0.68
N TRP B 34 28.33 7.84 1.23
CA TRP B 34 29.67 7.59 0.72
C TRP B 34 30.52 6.96 1.82
N ASN B 35 30.94 5.72 1.58
CA ASN B 35 31.52 4.88 2.60
C ASN B 35 32.99 4.60 2.33
N TRP B 36 33.75 4.41 3.41
CA TRP B 36 35.15 4.01 3.33
C TRP B 36 35.29 2.59 3.86
N ILE B 37 35.81 1.69 3.03
CA ILE B 37 36.00 0.30 3.41
C ILE B 37 37.48 -0.03 3.28
N ARG B 38 37.96 -0.96 4.09
CA ARG B 38 39.36 -1.35 3.98
C ARG B 38 39.50 -2.86 4.09
N LYS B 39 40.24 -3.44 3.17
CA LYS B 39 40.58 -4.86 3.17
C LYS B 39 41.99 -5.02 3.70
N PHE B 40 42.14 -5.82 4.74
CA PHE B 40 43.45 -6.04 5.34
C PHE B 40 44.29 -6.92 4.43
N PRO B 41 45.58 -7.04 4.70
CA PRO B 41 46.36 -8.12 4.08
C PRO B 41 45.79 -9.47 4.50
N GLY B 42 45.19 -10.18 3.55
CA GLY B 42 44.46 -11.39 3.86
C GLY B 42 43.09 -11.38 3.22
N ASN B 43 42.05 -11.61 4.02
CA ASN B 43 40.70 -11.65 3.51
C ASN B 43 39.69 -10.81 4.29
N LYS B 44 39.95 -10.48 5.55
CA LYS B 44 38.94 -9.87 6.41
C LYS B 44 38.70 -8.43 5.97
N LEU B 45 37.58 -8.19 5.28
CA LEU B 45 37.17 -6.82 5.02
C LEU B 45 36.72 -6.16 6.33
N GLU B 46 36.55 -4.84 6.27
CA GLU B 46 36.14 -4.11 7.46
C GLU B 46 35.51 -2.79 7.05
N TYR B 47 34.44 -2.41 7.74
CA TYR B 47 33.74 -1.16 7.49
C TYR B 47 34.32 -0.06 8.36
N MET B 48 34.66 1.07 7.75
CA MET B 48 35.27 2.18 8.49
C MET B 48 34.28 3.25 8.88
N GLY B 49 33.35 3.59 8.01
CA GLY B 49 32.39 4.63 8.31
C GLY B 49 31.92 5.28 7.03
N TYR B 50 31.17 6.36 7.20
CA TYR B 50 30.56 7.00 6.04
C TYR B 50 30.34 8.48 6.30
N ILE B 51 30.21 9.23 5.20
CA ILE B 51 29.65 10.57 5.20
C ILE B 51 28.37 10.54 4.38
N SER B 52 27.32 11.16 4.89
CA SER B 52 26.02 11.07 4.24
C SER B 52 25.94 12.07 3.10
N TYR B 53 24.76 12.16 2.49
CA TYR B 53 24.46 13.15 1.46
C TYR B 53 23.98 14.47 2.05
N SER B 54 23.98 14.59 3.38
CA SER B 54 23.50 15.80 4.05
C SER B 54 24.45 16.16 5.18
N GLY B 55 25.75 16.09 4.93
CA GLY B 55 26.74 16.48 5.90
C GLY B 55 26.84 15.60 7.13
N SER B 56 25.97 14.62 7.29
CA SER B 56 26.07 13.72 8.43
C SER B 56 27.37 12.92 8.35
N THR B 57 27.69 12.22 9.43
CA THR B 57 28.93 11.49 9.48
C THR B 57 28.81 10.37 10.51
N TYR B 58 29.55 9.29 10.28
CA TYR B 58 29.57 8.18 11.22
C TYR B 58 30.90 7.45 11.12
N TYR B 59 31.45 7.10 12.28
CA TYR B 59 32.69 6.36 12.38
C TYR B 59 32.41 5.03 13.08
N ASN B 60 33.15 4.01 12.69
CA ASN B 60 32.97 2.69 13.28
C ASN B 60 33.51 2.69 14.71
N PRO B 61 32.68 2.53 15.73
CA PRO B 61 33.18 2.55 17.11
C PRO B 61 34.15 1.44 17.42
N SER B 62 34.12 0.34 16.69
CA SER B 62 35.09 -0.75 16.90
C SER B 62 36.46 -0.43 16.33
N LEU B 63 36.66 0.75 15.76
CA LEU B 63 37.95 1.13 15.21
C LEU B 63 38.87 1.63 16.32
N LYS B 64 40.12 1.18 16.29
CA LYS B 64 41.12 1.58 17.26
C LYS B 64 41.99 2.72 16.75
N SER B 65 41.44 3.58 15.89
CA SER B 65 42.19 4.70 15.34
C SER B 65 41.27 5.88 15.09
N GLN B 66 41.81 7.08 15.22
CA GLN B 66 41.04 8.30 15.05
C GLN B 66 40.85 8.58 13.57
N ILE B 67 39.60 8.53 13.11
CA ILE B 67 39.27 8.74 11.71
C ILE B 67 38.35 9.94 11.60
N SER B 68 38.53 10.74 10.55
CA SER B 68 37.71 11.92 10.30
C SER B 68 37.28 11.86 8.84
N ILE B 69 35.97 11.73 8.62
CA ILE B 69 35.43 11.60 7.27
C ILE B 69 34.85 12.95 6.90
N THR B 70 35.66 13.77 6.23
CA THR B 70 35.25 15.11 5.83
C THR B 70 34.88 15.13 4.34
N ARG B 71 34.38 16.27 3.89
CA ARG B 71 34.04 16.40 2.48
C ARG B 71 34.23 17.82 2.02
N ASP B 72 34.52 17.98 0.73
CA ASP B 72 34.62 19.28 0.07
C ASP B 72 33.71 19.21 -1.16
N THR B 73 32.62 19.97 -1.10
CA THR B 73 31.56 19.89 -2.10
C THR B 73 31.88 20.71 -3.35
N SER B 74 33.02 21.38 -3.39
CA SER B 74 33.37 22.19 -4.56
C SER B 74 34.05 21.33 -5.62
N LYS B 75 35.19 20.74 -5.28
CA LYS B 75 35.86 19.83 -6.21
C LYS B 75 35.15 18.49 -6.33
N ASN B 76 34.02 18.30 -5.63
CA ASN B 76 33.29 17.03 -5.62
C ASN B 76 34.17 15.93 -5.04
N HIS B 77 34.72 16.17 -3.86
CA HIS B 77 35.67 15.25 -3.25
C HIS B 77 35.23 14.94 -1.82
N TYR B 78 35.56 13.76 -1.33
CA TYR B 78 35.44 13.52 0.10
C TYR B 78 36.69 12.81 0.62
N TYR B 79 37.06 13.16 1.84
CA TYR B 79 38.38 12.85 2.39
C TYR B 79 38.22 11.96 3.60
N LEU B 80 39.10 10.98 3.73
CA LEU B 80 39.28 10.26 4.97
C LEU B 80 40.62 10.65 5.56
N GLN B 81 40.62 11.11 6.81
CA GLN B 81 41.85 11.52 7.47
C GLN B 81 42.07 10.61 8.67
N LEU B 82 43.15 9.85 8.61
CA LEU B 82 43.56 9.01 9.73
C LEU B 82 44.62 9.75 10.53
N ASN B 83 44.40 9.88 11.83
CA ASN B 83 45.34 10.50 12.74
C ASN B 83 45.91 9.46 13.70
N SER B 84 47.18 9.64 14.06
CA SER B 84 47.90 8.73 14.96
C SER B 84 47.87 7.29 14.42
N VAL B 85 48.48 7.12 13.25
CA VAL B 85 48.51 5.83 12.57
C VAL B 85 49.42 4.88 13.33
N THR B 86 49.29 3.58 13.07
CA THR B 86 50.03 2.56 13.79
C THR B 86 50.29 1.41 12.84
N THR B 87 51.14 0.47 13.28
CA THR B 87 51.52 -0.68 12.47
C THR B 87 50.34 -1.55 12.05
N GLU B 88 49.14 -1.28 12.57
CA GLU B 88 47.94 -2.02 12.19
C GLU B 88 46.98 -1.16 11.37
N ASP B 89 47.53 -0.24 10.58
CA ASP B 89 46.74 0.53 9.62
C ASP B 89 47.02 0.15 8.18
N THR B 90 48.06 -0.65 7.94
CA THR B 90 48.40 -1.07 6.58
C THR B 90 47.26 -1.89 5.99
N ALA B 91 46.66 -1.38 4.92
CA ALA B 91 45.51 -2.04 4.34
C ALA B 91 45.33 -1.55 2.92
N THR B 92 44.17 -1.87 2.33
CA THR B 92 43.78 -1.38 1.02
C THR B 92 42.44 -0.69 1.17
N TYR B 93 42.40 0.61 0.85
CA TYR B 93 41.22 1.44 1.09
C TYR B 93 40.43 1.61 -0.20
N TYR B 94 39.15 1.25 -0.14
CA TYR B 94 38.21 1.42 -1.25
C TYR B 94 37.13 2.41 -0.84
N CYS B 95 36.69 3.20 -1.80
CA CYS B 95 35.47 3.97 -1.64
C CYS B 95 34.28 3.14 -2.07
N ALA B 96 33.10 3.55 -1.63
CA ALA B 96 31.88 2.95 -2.14
C ALA B 96 30.74 3.92 -2.00
N ARG B 97 29.70 3.71 -2.81
CA ARG B 97 28.53 4.58 -2.86
C ARG B 97 27.30 3.78 -2.48
N GLN B 98 26.94 3.81 -1.20
CA GLN B 98 25.71 3.14 -0.78
C GLN B 98 24.53 3.93 -1.29
N GLY B 99 23.82 3.37 -2.26
CA GLY B 99 22.73 4.06 -2.90
C GLY B 99 21.49 4.12 -2.04
N LEU B 100 20.51 4.88 -2.53
CA LEU B 100 19.26 5.06 -1.82
C LEU B 100 18.09 4.31 -2.44
N ARG B 101 18.27 3.76 -3.64
CA ARG B 101 17.19 3.02 -4.28
C ARG B 101 17.23 1.54 -3.97
N ASN B 102 18.42 0.95 -3.88
CA ASN B 102 18.55 -0.47 -3.61
C ASN B 102 19.40 -0.81 -2.40
N TRP B 103 20.09 0.16 -1.80
CA TRP B 103 20.72 0.00 -0.49
C TRP B 103 21.81 -1.07 -0.51
N TYR B 104 22.84 -0.85 -1.32
CA TYR B 104 24.02 -1.71 -1.32
C TYR B 104 25.18 -0.96 -1.96
N PHE B 105 26.40 -1.46 -1.71
CA PHE B 105 27.62 -0.85 -2.23
C PHE B 105 27.73 -1.16 -3.72
N ASP B 106 27.01 -0.38 -4.53
CA ASP B 106 26.82 -0.72 -5.93
C ASP B 106 27.89 -0.16 -6.85
N VAL B 107 28.73 0.76 -6.40
CA VAL B 107 29.77 1.35 -7.24
C VAL B 107 31.01 1.55 -6.38
N TRP B 108 32.09 0.86 -6.72
CA TRP B 108 33.34 0.93 -5.98
C TRP B 108 34.38 1.71 -6.76
N GLY B 109 35.56 1.87 -6.14
CA GLY B 109 36.70 2.47 -6.79
C GLY B 109 37.85 1.48 -6.81
N THR B 110 38.90 1.84 -7.57
CA THR B 110 40.01 0.92 -7.74
C THR B 110 40.79 0.69 -6.45
N GLY B 111 40.64 1.58 -5.46
CA GLY B 111 41.28 1.38 -4.17
C GLY B 111 42.77 1.61 -4.17
N THR B 112 43.31 2.07 -3.04
CA THR B 112 44.74 2.35 -2.93
C THR B 112 45.31 1.67 -1.70
N THR B 113 46.54 1.21 -1.83
CA THR B 113 47.21 0.55 -0.72
C THR B 113 47.91 1.57 0.16
N VAL B 114 47.95 1.29 1.47
CA VAL B 114 48.65 2.14 2.41
C VAL B 114 49.41 1.23 3.38
N THR B 115 50.69 1.54 3.60
CA THR B 115 51.53 0.77 4.50
C THR B 115 52.36 1.72 5.34
N VAL B 116 52.52 1.36 6.61
CA VAL B 116 53.32 2.16 7.55
C VAL B 116 54.53 1.35 7.96
N SER B 117 55.64 2.04 8.18
CA SER B 117 56.91 1.40 8.51
C SER B 117 57.86 2.48 9.01
N SER B 118 59.13 2.11 9.18
CA SER B 118 60.16 3.05 9.58
C SER B 118 61.21 3.19 8.49
N ASP C 1 27.34 -7.15 18.29
CA ASP C 1 27.05 -6.79 16.91
C ASP C 1 26.85 -8.05 16.07
N ILE C 2 26.04 -7.93 15.02
CA ILE C 2 25.72 -9.09 14.18
C ILE C 2 27.00 -9.66 13.58
N VAL C 3 27.18 -10.97 13.74
CA VAL C 3 28.35 -11.67 13.25
C VAL C 3 27.89 -12.67 12.20
N LEU C 4 28.38 -12.52 10.97
CA LEU C 4 27.99 -13.37 9.86
C LEU C 4 29.04 -14.45 9.65
N THR C 5 28.69 -15.69 9.96
CA THR C 5 29.59 -16.82 9.79
C THR C 5 29.36 -17.43 8.42
N GLN C 6 30.41 -17.50 7.61
CA GLN C 6 30.33 -18.01 6.25
C GLN C 6 30.93 -19.41 6.18
N SER C 7 30.27 -20.29 5.43
CA SER C 7 30.70 -21.67 5.28
C SER C 7 30.48 -22.12 3.84
N PRO C 8 31.37 -22.95 3.30
CA PRO C 8 32.60 -23.41 3.96
C PRO C 8 33.76 -22.46 3.70
N ALA C 9 34.95 -22.80 4.20
CA ALA C 9 36.12 -21.98 3.94
C ALA C 9 36.42 -21.91 2.45
N SER C 10 36.74 -23.04 1.84
CA SER C 10 37.01 -23.13 0.41
C SER C 10 36.12 -24.21 -0.19
N LEU C 11 35.54 -23.91 -1.36
CA LEU C 11 34.58 -24.80 -2.00
C LEU C 11 35.11 -25.27 -3.35
N PRO C 12 35.62 -26.48 -3.45
CA PRO C 12 36.03 -27.00 -4.77
C PRO C 12 34.84 -27.56 -5.53
N VAL C 13 34.84 -27.34 -6.84
CA VAL C 13 33.76 -27.78 -7.72
C VAL C 13 34.34 -28.16 -9.07
N SER C 14 33.49 -28.72 -9.92
CA SER C 14 33.87 -29.12 -11.27
C SER C 14 32.92 -28.48 -12.26
N LEU C 15 33.40 -28.29 -13.49
CA LEU C 15 32.63 -27.59 -14.51
C LEU C 15 31.28 -28.27 -14.73
N GLY C 16 30.30 -27.46 -15.13
CA GLY C 16 28.96 -27.93 -15.38
C GLY C 16 28.12 -28.22 -14.16
N GLN C 17 28.75 -28.38 -12.99
CA GLN C 17 28.04 -28.77 -11.77
C GLN C 17 27.31 -27.56 -11.18
N ARG C 18 26.77 -27.73 -9.98
CA ARG C 18 26.11 -26.66 -9.24
C ARG C 18 26.80 -26.50 -7.89
N ALA C 19 27.12 -25.25 -7.53
CA ALA C 19 27.83 -24.93 -6.30
C ALA C 19 26.95 -24.09 -5.40
N THR C 20 27.01 -24.36 -4.10
CA THR C 20 26.16 -23.71 -3.11
C THR C 20 27.02 -23.22 -1.95
N ILE C 21 26.94 -21.92 -1.68
CA ILE C 21 27.63 -21.31 -0.55
C ILE C 21 26.60 -20.61 0.32
N SER C 22 26.79 -20.67 1.63
CA SER C 22 25.80 -20.17 2.57
C SER C 22 26.49 -19.53 3.76
N CYS C 23 25.95 -18.40 4.21
CA CYS C 23 26.46 -17.72 5.39
C CYS C 23 25.29 -17.43 6.32
N ARG C 24 25.45 -17.77 7.59
CA ARG C 24 24.40 -17.64 8.59
C ARG C 24 24.70 -16.49 9.53
N ALA C 25 23.67 -15.69 9.81
CA ALA C 25 23.81 -14.54 10.69
C ALA C 25 23.77 -14.98 12.14
N SER C 26 23.64 -14.02 13.05
CA SER C 26 23.43 -14.30 14.46
C SER C 26 22.19 -13.60 15.01
N LYS C 27 21.56 -12.74 14.22
CA LYS C 27 20.27 -12.15 14.54
C LYS C 27 19.42 -12.19 13.28
N SER C 28 18.30 -11.48 13.30
CA SER C 28 17.43 -11.39 12.13
C SER C 28 17.82 -10.17 11.31
N VAL C 29 18.21 -10.39 10.07
CA VAL C 29 18.64 -9.30 9.19
C VAL C 29 17.57 -9.04 8.16
N SER C 30 16.32 -9.32 8.50
CA SER C 30 15.19 -9.16 7.61
C SER C 30 14.16 -8.25 8.25
N ALA C 31 13.80 -7.18 7.55
CA ALA C 31 12.73 -6.28 7.95
C ALA C 31 11.48 -6.63 7.15
N SER C 32 10.47 -5.76 7.22
CA SER C 32 9.23 -6.02 6.51
C SER C 32 9.45 -6.16 5.02
N ALA C 33 9.27 -7.39 4.51
CA ALA C 33 9.35 -7.76 3.10
C ALA C 33 10.75 -7.66 2.50
N TYR C 34 11.76 -7.25 3.28
CA TYR C 34 13.11 -7.09 2.77
C TYR C 34 14.10 -7.79 3.69
N SER C 35 15.06 -8.47 3.09
CA SER C 35 16.18 -9.06 3.81
C SER C 35 17.46 -8.41 3.32
N TYR C 36 18.28 -7.94 4.25
CA TYR C 36 19.50 -7.21 3.91
C TYR C 36 20.69 -8.15 4.01
N MET C 37 20.89 -8.91 2.93
CA MET C 37 22.04 -9.79 2.79
C MET C 37 22.46 -9.78 1.33
N HIS C 38 23.62 -9.19 1.04
CA HIS C 38 24.10 -9.06 -0.32
C HIS C 38 25.36 -9.89 -0.51
N TRP C 39 25.66 -10.22 -1.76
CA TRP C 39 26.76 -11.10 -2.12
C TRP C 39 27.69 -10.41 -3.09
N TYR C 40 29.00 -10.52 -2.85
CA TYR C 40 30.01 -9.81 -3.62
C TYR C 40 31.02 -10.78 -4.21
N GLN C 41 31.53 -10.42 -5.39
CA GLN C 41 32.52 -11.21 -6.11
C GLN C 41 33.77 -10.38 -6.31
N GLN C 42 34.93 -10.92 -5.90
CA GLN C 42 36.19 -10.21 -5.96
C GLN C 42 37.27 -11.13 -6.52
N LYS C 43 37.81 -10.79 -7.67
CA LYS C 43 38.93 -11.53 -8.24
C LYS C 43 40.24 -10.92 -7.76
N PRO C 44 41.31 -11.71 -7.72
CA PRO C 44 42.61 -11.15 -7.29
C PRO C 44 43.09 -10.04 -8.22
N GLY C 45 43.18 -8.82 -7.70
CA GLY C 45 43.63 -7.69 -8.46
C GLY C 45 42.55 -6.71 -8.88
N GLN C 46 41.32 -6.87 -8.40
CA GLN C 46 40.22 -5.99 -8.76
C GLN C 46 39.35 -5.74 -7.53
N PRO C 47 38.64 -4.63 -7.49
CA PRO C 47 37.72 -4.37 -6.39
C PRO C 47 36.51 -5.28 -6.48
N PRO C 48 35.78 -5.46 -5.39
CA PRO C 48 34.59 -6.32 -5.42
C PRO C 48 33.56 -5.83 -6.42
N LYS C 49 32.54 -6.67 -6.62
CA LYS C 49 31.52 -6.44 -7.63
C LYS C 49 30.17 -6.88 -7.09
N PRO C 50 29.10 -6.16 -7.41
CA PRO C 50 27.78 -6.54 -6.90
C PRO C 50 27.08 -7.59 -7.75
N LEU C 51 26.82 -8.75 -7.16
CA LEU C 51 26.06 -9.80 -7.85
C LEU C 51 24.59 -9.76 -7.46
N ILE C 52 24.32 -9.92 -6.17
CA ILE C 52 22.97 -10.03 -5.63
C ILE C 52 22.76 -8.93 -4.61
N TYR C 53 21.62 -8.24 -4.70
CA TYR C 53 21.24 -7.26 -3.71
C TYR C 53 19.88 -7.63 -3.11
N LEU C 54 19.77 -7.45 -1.80
CA LEU C 54 18.55 -7.78 -1.04
C LEU C 54 18.22 -9.27 -1.15
N ALA C 55 19.29 -10.06 -1.28
CA ALA C 55 19.30 -11.50 -1.07
C ALA C 55 18.59 -12.33 -2.14
N SER C 56 17.86 -11.69 -3.05
CA SER C 56 17.20 -12.49 -4.08
C SER C 56 17.17 -11.81 -5.45
N ASN C 57 17.86 -10.70 -5.63
CA ASN C 57 17.79 -9.97 -6.88
C ASN C 57 19.04 -10.18 -7.72
N LEU C 58 19.03 -9.66 -8.94
CA LEU C 58 20.12 -9.87 -9.88
C LEU C 58 20.55 -8.53 -10.46
N GLU C 59 21.86 -8.30 -10.50
CA GLU C 59 22.38 -7.04 -10.99
C GLU C 59 22.21 -6.95 -12.51
N SER C 60 22.54 -5.78 -13.05
CA SER C 60 22.37 -5.50 -14.47
C SER C 60 23.62 -5.94 -15.23
N GLY C 61 23.54 -7.10 -15.89
CA GLY C 61 24.61 -7.58 -16.74
C GLY C 61 25.32 -8.82 -16.26
N VAL C 62 25.11 -9.24 -15.02
CA VAL C 62 25.77 -10.44 -14.48
C VAL C 62 25.14 -11.66 -15.15
N PRO C 63 25.93 -12.69 -15.47
CA PRO C 63 25.34 -13.91 -16.02
C PRO C 63 24.27 -14.48 -15.11
N ALA C 64 23.25 -15.10 -15.73
CA ALA C 64 22.10 -15.62 -15.00
C ALA C 64 22.40 -16.91 -14.25
N ARG C 65 23.64 -17.40 -14.29
CA ARG C 65 23.99 -18.61 -13.55
C ARG C 65 23.95 -18.41 -12.04
N PHE C 66 23.85 -17.16 -11.56
CA PHE C 66 23.87 -16.86 -10.13
C PHE C 66 22.45 -16.67 -9.65
N SER C 67 22.11 -17.38 -8.57
CA SER C 67 20.77 -17.31 -7.99
C SER C 67 20.88 -17.09 -6.49
N GLY C 68 19.97 -16.28 -5.96
CA GLY C 68 19.96 -15.96 -4.55
C GLY C 68 18.66 -16.41 -3.90
N SER C 69 18.77 -16.85 -2.65
CA SER C 69 17.61 -17.32 -1.90
C SER C 69 17.95 -17.33 -0.42
N GLY C 70 16.91 -17.26 0.39
CA GLY C 70 17.04 -17.31 1.84
C GLY C 70 16.23 -16.22 2.51
N SER C 71 16.13 -16.35 3.83
CA SER C 71 15.44 -15.39 4.67
C SER C 71 15.80 -15.68 6.12
N GLY C 72 15.37 -14.79 7.00
CA GLY C 72 15.62 -14.98 8.41
C GLY C 72 17.08 -14.82 8.79
N THR C 73 17.74 -15.92 9.13
CA THR C 73 19.15 -15.90 9.50
C THR C 73 20.02 -16.80 8.65
N ASP C 74 19.46 -17.55 7.71
CA ASP C 74 20.22 -18.43 6.83
C ASP C 74 19.95 -18.06 5.39
N PHE C 75 21.02 -17.84 4.63
CA PHE C 75 20.94 -17.45 3.22
C PHE C 75 21.79 -18.41 2.40
N THR C 76 21.72 -18.27 1.07
CA THR C 76 22.38 -19.21 0.18
C THR C 76 22.50 -18.60 -1.20
N LEU C 77 23.67 -18.77 -1.82
CA LEU C 77 23.93 -18.39 -3.20
C LEU C 77 24.29 -19.64 -4.00
N ASN C 78 23.72 -19.75 -5.20
CA ASN C 78 23.92 -20.92 -6.05
C ASN C 78 24.44 -20.49 -7.41
N ILE C 79 25.43 -21.21 -7.91
CA ILE C 79 25.96 -21.03 -9.25
C ILE C 79 25.73 -22.32 -10.03
N HIS C 80 25.09 -22.21 -11.19
CA HIS C 80 24.84 -23.37 -12.02
C HIS C 80 24.65 -22.96 -13.48
N PRO C 81 25.57 -23.36 -14.37
CA PRO C 81 26.76 -24.15 -14.08
C PRO C 81 28.01 -23.30 -13.90
N VAL C 82 29.02 -23.82 -13.20
CA VAL C 82 30.24 -23.07 -12.97
C VAL C 82 31.07 -23.05 -14.26
N GLU C 83 32.06 -22.16 -14.32
CA GLU C 83 32.97 -22.07 -15.45
C GLU C 83 34.40 -22.13 -14.93
N GLU C 84 35.36 -22.01 -15.84
CA GLU C 84 36.76 -21.98 -15.46
C GLU C 84 37.18 -20.60 -14.94
N GLU C 85 36.39 -19.56 -15.21
CA GLU C 85 36.72 -18.21 -14.77
C GLU C 85 36.09 -17.85 -13.43
N ASP C 86 35.19 -18.68 -12.90
CA ASP C 86 34.56 -18.36 -11.62
C ASP C 86 35.45 -18.58 -10.45
N ALA C 87 36.74 -18.87 -10.60
CA ALA C 87 37.62 -19.06 -9.45
C ALA C 87 37.91 -17.69 -8.84
N ALA C 88 37.19 -17.35 -7.78
CA ALA C 88 37.26 -16.02 -7.19
C ALA C 88 37.02 -16.15 -5.70
N THR C 89 36.72 -15.02 -5.05
CA THR C 89 36.36 -14.99 -3.64
C THR C 89 34.99 -14.33 -3.50
N TYR C 90 34.15 -14.92 -2.65
CA TYR C 90 32.76 -14.50 -2.51
C TYR C 90 32.48 -14.08 -1.08
N TYR C 91 31.91 -12.90 -0.92
CA TYR C 91 31.63 -12.29 0.38
C TYR C 91 30.13 -12.08 0.55
N CYS C 92 29.68 -12.15 1.80
CA CYS C 92 28.29 -11.87 2.14
C CYS C 92 28.28 -10.77 3.19
N GLN C 93 27.52 -9.70 2.92
CA GLN C 93 27.55 -8.49 3.73
C GLN C 93 26.13 -8.06 4.05
N HIS C 94 25.91 -7.63 5.29
CA HIS C 94 24.59 -7.26 5.76
C HIS C 94 24.48 -5.75 5.97
N ASN C 95 23.23 -5.27 6.03
CA ASN C 95 22.94 -3.85 6.16
C ASN C 95 21.91 -3.57 7.25
N ARG C 96 21.66 -4.51 8.14
CA ARG C 96 20.54 -4.36 9.06
C ARG C 96 20.75 -3.21 10.03
N GLU C 97 21.95 -3.07 10.59
CA GLU C 97 22.20 -2.02 11.56
C GLU C 97 23.70 -1.78 11.67
N LEU C 98 24.06 -0.53 11.92
CA LEU C 98 25.47 -0.17 12.03
C LEU C 98 26.09 -0.87 13.24
N PRO C 99 27.37 -1.25 13.16
CA PRO C 99 28.21 -1.13 11.97
C PRO C 99 28.12 -2.35 11.07
N TYR C 100 28.11 -2.12 9.76
CA TYR C 100 28.03 -3.21 8.80
C TYR C 100 29.20 -4.18 8.97
N THR C 101 29.02 -5.39 8.45
CA THR C 101 30.00 -6.45 8.65
C THR C 101 30.03 -7.34 7.42
N PHE C 102 31.21 -7.80 7.06
CA PHE C 102 31.41 -8.69 5.92
C PHE C 102 31.69 -10.10 6.40
N GLY C 103 31.31 -11.07 5.58
CA GLY C 103 31.57 -12.46 5.89
C GLY C 103 33.04 -12.80 5.80
N GLY C 104 33.35 -14.07 6.05
CA GLY C 104 34.72 -14.53 6.00
C GLY C 104 35.27 -14.69 4.60
N GLY C 105 34.42 -14.99 3.63
CA GLY C 105 34.86 -15.16 2.26
C GLY C 105 35.08 -16.61 1.88
N THR C 106 34.45 -17.05 0.79
CA THR C 106 34.53 -18.44 0.33
C THR C 106 35.41 -18.51 -0.90
N LYS C 107 36.56 -19.18 -0.77
CA LYS C 107 37.57 -19.24 -1.82
C LYS C 107 37.20 -20.35 -2.81
N LEU C 108 36.31 -20.00 -3.73
CA LEU C 108 35.92 -20.95 -4.77
C LEU C 108 37.11 -21.28 -5.66
N GLU C 109 37.18 -22.52 -6.11
CA GLU C 109 38.22 -22.95 -7.04
C GLU C 109 37.59 -23.89 -8.07
N ILE C 110 38.43 -24.39 -8.98
CA ILE C 110 37.99 -25.30 -10.04
C ILE C 110 38.95 -26.47 -10.08
N LYS C 111 38.41 -27.68 -10.16
CA LYS C 111 39.25 -28.89 -10.25
C LYS C 111 39.57 -29.23 -11.70
#